data_8GBD
#
_entry.id   8GBD
#
_entity_poly.entity_id   1
_entity_poly.type   'polypeptide(L)'
_entity_poly.pdbx_seq_one_letter_code
;MGSSHHHHHHSSGLVPRGSHMEQRILKFLEELGEGKATTAHDLSGKLGTPKKEINRVLYSLAKKGKLQKEAGTPALWKIA
VSTQ
;
_entity_poly.pdbx_strand_id   A
#
# COMPACT_ATOMS: atom_id res chain seq x y z
N GLU A 22 -6.30 -8.27 -0.28
CA GLU A 22 -6.55 -7.21 -1.25
C GLU A 22 -7.74 -6.35 -0.84
N GLN A 23 -8.71 -6.98 -0.18
CA GLN A 23 -9.91 -6.27 0.26
C GLN A 23 -9.67 -5.58 1.59
N ARG A 24 -8.76 -6.14 2.39
CA ARG A 24 -8.45 -5.58 3.69
C ARG A 24 -7.45 -4.42 3.56
N ILE A 25 -6.71 -4.42 2.46
CA ILE A 25 -5.72 -3.38 2.22
C ILE A 25 -6.34 -2.19 1.51
N LEU A 26 -7.29 -2.45 0.63
CA LEU A 26 -7.97 -1.40 -0.11
C LEU A 26 -9.03 -0.72 0.75
N LYS A 27 -9.37 -1.36 1.87
CA LYS A 27 -10.37 -0.82 2.78
C LYS A 27 -9.71 0.00 3.88
N PHE A 28 -8.41 -0.22 4.08
CA PHE A 28 -7.67 0.49 5.11
C PHE A 28 -6.94 1.70 4.51
N LEU A 29 -6.61 1.61 3.23
CA LEU A 29 -5.91 2.69 2.54
C LEU A 29 -6.90 3.73 2.02
N GLU A 30 -8.18 3.37 2.01
CA GLU A 30 -9.23 4.26 1.53
C GLU A 30 -9.91 4.97 2.70
N GLU A 31 -9.72 4.43 3.91
CA GLU A 31 -10.32 5.00 5.11
C GLU A 31 -9.32 5.89 5.85
N LEU A 32 -8.05 5.57 5.70
CA LEU A 32 -6.99 6.35 6.35
C LEU A 32 -7.12 7.84 6.03
N GLY A 33 -7.02 8.17 4.76
CA GLY A 33 -7.14 9.56 4.34
C GLY A 33 -6.16 9.92 3.25
N GLU A 34 -6.68 10.17 2.05
CA GLU A 34 -5.83 10.52 0.91
C GLU A 34 -4.62 11.33 1.36
N GLY A 35 -3.51 11.16 0.66
CA GLY A 35 -2.29 11.88 1.01
C GLY A 35 -1.47 11.15 2.04
N LYS A 36 -2.06 10.15 2.68
CA LYS A 36 -1.37 9.38 3.70
C LYS A 36 -0.20 8.60 3.10
N ALA A 37 0.33 7.65 3.86
CA ALA A 37 1.45 6.83 3.38
C ALA A 37 1.75 5.70 4.36
N THR A 38 2.04 4.52 3.82
CA THR A 38 2.35 3.36 4.66
C THR A 38 3.43 2.49 4.01
N THR A 39 4.28 1.91 4.85
CA THR A 39 5.37 1.06 4.35
C THR A 39 5.01 -0.42 4.53
N ALA A 40 5.49 -1.25 3.60
CA ALA A 40 5.23 -2.68 3.66
C ALA A 40 5.60 -3.25 5.03
N HIS A 41 6.72 -2.78 5.58
CA HIS A 41 7.17 -3.24 6.89
C HIS A 41 6.20 -2.83 7.98
N ASP A 42 5.44 -1.77 7.73
CA ASP A 42 4.46 -1.27 8.69
C ASP A 42 3.12 -1.96 8.51
N LEU A 43 2.94 -2.59 7.36
CA LEU A 43 1.69 -3.30 7.06
C LEU A 43 1.83 -4.79 7.36
N SER A 44 3.07 -5.25 7.45
CA SER A 44 3.33 -6.67 7.74
C SER A 44 3.64 -6.87 9.22
N GLY A 45 3.79 -5.77 9.94
CA GLY A 45 4.09 -5.86 11.37
C GLY A 45 2.92 -5.42 12.22
N LYS A 46 1.94 -4.78 11.61
CA LYS A 46 0.77 -4.30 12.33
C LYS A 46 -0.35 -5.33 12.27
N LEU A 47 -0.51 -5.96 11.12
CA LEU A 47 -1.54 -6.98 10.95
C LEU A 47 -0.95 -8.39 11.00
N GLY A 48 0.38 -8.46 11.03
CA GLY A 48 1.05 -9.74 11.09
C GLY A 48 1.31 -10.33 9.72
N THR A 49 0.45 -9.99 8.76
CA THR A 49 0.57 -10.49 7.39
C THR A 49 2.05 -10.70 7.03
N PRO A 50 2.34 -11.88 6.46
CA PRO A 50 3.71 -12.24 6.05
C PRO A 50 4.19 -11.42 4.86
N LYS A 51 5.42 -10.93 4.94
CA LYS A 51 6.00 -10.13 3.86
C LYS A 51 5.84 -10.83 2.52
N LYS A 52 5.92 -12.16 2.54
CA LYS A 52 5.77 -12.95 1.32
C LYS A 52 4.39 -12.77 0.71
N GLU A 53 3.47 -12.22 1.50
CA GLU A 53 2.11 -12.00 1.04
C GLU A 53 1.86 -10.51 0.77
N ILE A 54 2.68 -9.66 1.39
CA ILE A 54 2.54 -8.22 1.21
C ILE A 54 3.35 -7.75 0.01
N ASN A 55 4.36 -8.52 -0.36
CA ASN A 55 5.21 -8.18 -1.50
C ASN A 55 4.58 -8.64 -2.81
N ARG A 56 3.73 -9.65 -2.72
CA ARG A 56 3.05 -10.19 -3.90
C ARG A 56 1.77 -9.43 -4.20
N VAL A 57 1.21 -8.81 -3.17
CA VAL A 57 -0.01 -8.03 -3.32
C VAL A 57 0.29 -6.56 -3.53
N LEU A 58 1.48 -6.14 -3.11
CA LEU A 58 1.89 -4.74 -3.24
C LEU A 58 2.28 -4.44 -4.69
N TYR A 59 2.78 -5.44 -5.40
CA TYR A 59 3.18 -5.28 -6.79
C TYR A 59 2.06 -5.65 -7.73
N SER A 60 0.93 -6.10 -7.16
CA SER A 60 -0.22 -6.50 -7.96
C SER A 60 -1.31 -5.43 -7.90
N LEU A 61 -1.28 -4.61 -6.85
CA LEU A 61 -2.26 -3.55 -6.67
C LEU A 61 -1.75 -2.24 -7.27
N ALA A 62 -0.45 -2.00 -7.14
CA ALA A 62 0.15 -0.78 -7.67
C ALA A 62 0.18 -0.79 -9.19
N LYS A 63 0.20 -1.99 -9.77
CA LYS A 63 0.22 -2.15 -11.22
C LYS A 63 -1.17 -1.93 -11.81
N LYS A 64 -2.20 -2.27 -11.04
CA LYS A 64 -3.58 -2.11 -11.48
C LYS A 64 -4.04 -0.66 -11.33
N GLY A 65 -3.16 0.18 -10.79
CA GLY A 65 -3.49 1.58 -10.60
C GLY A 65 -4.33 1.81 -9.36
N LYS A 66 -4.30 0.85 -8.44
CA LYS A 66 -5.06 0.95 -7.20
C LYS A 66 -4.14 1.26 -6.02
N LEU A 67 -3.01 1.90 -6.30
CA LEU A 67 -2.05 2.26 -5.27
C LEU A 67 -0.81 2.91 -5.87
N GLN A 68 -0.47 4.10 -5.39
CA GLN A 68 0.69 4.83 -5.88
C GLN A 68 1.98 4.15 -5.43
N LYS A 69 3.12 4.66 -5.91
CA LYS A 69 4.41 4.11 -5.56
C LYS A 69 5.49 5.19 -5.57
N GLU A 70 5.77 5.74 -4.39
CA GLU A 70 6.78 6.79 -4.26
C GLU A 70 8.10 6.37 -4.92
N ALA A 71 8.98 7.34 -5.13
CA ALA A 71 10.27 7.06 -5.74
C ALA A 71 11.03 5.99 -4.98
N GLY A 72 10.89 4.74 -5.42
CA GLY A 72 11.57 3.63 -4.76
C GLY A 72 10.61 2.72 -4.04
N THR A 73 10.95 1.43 -3.98
CA THR A 73 10.11 0.44 -3.32
C THR A 73 9.86 0.82 -1.87
N PRO A 74 10.95 0.90 -1.09
CA PRO A 74 10.88 1.25 0.34
C PRO A 74 10.49 2.71 0.55
N ALA A 75 10.22 3.41 -0.54
CA ALA A 75 9.83 4.83 -0.46
C ALA A 75 8.56 4.99 0.37
N LEU A 76 7.45 4.48 -0.14
CA LEU A 76 6.17 4.59 0.56
C LEU A 76 5.03 4.05 -0.31
N TRP A 77 3.81 4.18 0.19
CA TRP A 77 2.63 3.71 -0.54
C TRP A 77 1.38 4.43 -0.07
N LYS A 78 0.60 4.93 -1.02
CA LYS A 78 -0.63 5.65 -0.71
C LYS A 78 -1.65 5.51 -1.85
N ILE A 79 -2.89 5.87 -1.57
CA ILE A 79 -3.96 5.79 -2.56
C ILE A 79 -3.49 6.37 -3.89
N ALA A 80 -4.18 5.99 -4.96
CA ALA A 80 -3.84 6.47 -6.31
C ALA A 80 -3.26 7.87 -6.25
N VAL A 81 -2.06 8.03 -6.81
CA VAL A 81 -1.38 9.32 -6.82
C VAL A 81 -2.29 10.41 -7.38
N SER A 82 -3.11 10.04 -8.36
CA SER A 82 -4.03 10.99 -8.99
C SER A 82 -4.87 11.70 -7.94
N THR A 83 -4.54 12.96 -7.69
CA THR A 83 -5.27 13.76 -6.70
C THR A 83 -5.22 15.24 -7.05
N GLN A 84 -5.89 16.05 -6.25
CA GLN A 84 -5.92 17.50 -6.48
C GLN A 84 -4.51 18.07 -6.52
N GLU A 22 -7.50 -9.09 -0.76
CA GLU A 22 -8.03 -8.17 -1.77
C GLU A 22 -9.21 -7.37 -1.19
N GLN A 23 -9.81 -7.88 -0.13
CA GLN A 23 -10.94 -7.22 0.51
C GLN A 23 -10.55 -6.65 1.86
N ARG A 24 -9.30 -6.90 2.27
CA ARG A 24 -8.81 -6.41 3.55
C ARG A 24 -7.66 -5.42 3.33
N ILE A 25 -7.20 -5.32 2.10
CA ILE A 25 -6.11 -4.40 1.77
C ILE A 25 -6.64 -3.10 1.20
N LEU A 26 -7.74 -3.17 0.46
CA LEU A 26 -8.36 -2.00 -0.14
C LEU A 26 -9.17 -1.22 0.90
N LYS A 27 -9.59 -1.92 1.95
CA LYS A 27 -10.37 -1.30 3.01
C LYS A 27 -9.47 -0.63 4.04
N PHE A 28 -8.22 -1.09 4.12
CA PHE A 28 -7.25 -0.53 5.06
C PHE A 28 -6.52 0.65 4.43
N LEU A 29 -6.30 0.58 3.12
CA LEU A 29 -5.60 1.65 2.41
C LEU A 29 -6.56 2.79 2.08
N GLU A 30 -7.85 2.53 2.18
CA GLU A 30 -8.86 3.54 1.89
C GLU A 30 -9.31 4.24 3.18
N GLU A 31 -9.02 3.62 4.31
CA GLU A 31 -9.39 4.19 5.60
C GLU A 31 -8.23 4.98 6.20
N LEU A 32 -7.02 4.65 5.79
CA LEU A 32 -5.83 5.35 6.28
C LEU A 32 -6.05 6.85 6.33
N GLY A 33 -6.04 7.49 5.16
CA GLY A 33 -6.24 8.92 5.09
C GLY A 33 -5.74 9.52 3.79
N GLU A 34 -6.47 9.26 2.71
CA GLU A 34 -6.09 9.78 1.39
C GLU A 34 -5.00 10.85 1.52
N GLY A 35 -3.76 10.44 1.32
CA GLY A 35 -2.65 11.37 1.42
C GLY A 35 -1.59 10.92 2.41
N LYS A 36 -1.81 9.75 3.01
CA LYS A 36 -0.87 9.21 3.98
C LYS A 36 -0.21 7.95 3.45
N ALA A 37 1.11 7.90 3.49
CA ALA A 37 1.86 6.75 3.01
C ALA A 37 2.53 6.01 4.16
N THR A 38 2.95 4.78 3.91
CA THR A 38 3.60 3.96 4.94
C THR A 38 4.31 2.76 4.31
N THR A 39 5.48 2.43 4.85
CA THR A 39 6.26 1.30 4.35
C THR A 39 5.56 -0.02 4.66
N ALA A 40 5.87 -1.05 3.87
CA ALA A 40 5.28 -2.37 4.05
C ALA A 40 5.53 -2.88 5.46
N HIS A 41 6.74 -2.65 5.97
CA HIS A 41 7.11 -3.10 7.31
C HIS A 41 6.14 -2.55 8.34
N ASP A 42 5.49 -1.44 8.02
CA ASP A 42 4.54 -0.81 8.92
C ASP A 42 3.12 -1.32 8.67
N LEU A 43 3.00 -2.25 7.73
CA LEU A 43 1.71 -2.83 7.39
C LEU A 43 1.71 -4.34 7.55
N SER A 44 2.88 -4.89 7.89
CA SER A 44 3.03 -6.32 8.08
C SER A 44 3.16 -6.67 9.56
N GLY A 45 3.48 -5.66 10.37
CA GLY A 45 3.62 -5.87 11.80
C GLY A 45 2.43 -5.37 12.58
N LYS A 46 1.65 -4.48 11.97
CA LYS A 46 0.47 -3.92 12.61
C LYS A 46 -0.78 -4.71 12.26
N LEU A 47 -0.80 -5.25 11.03
CA LEU A 47 -1.94 -6.03 10.57
C LEU A 47 -1.66 -7.53 10.70
N GLY A 48 -0.69 -7.87 11.54
CA GLY A 48 -0.34 -9.27 11.75
C GLY A 48 -0.39 -10.07 10.47
N THR A 49 0.24 -9.56 9.42
CA THR A 49 0.27 -10.23 8.12
C THR A 49 1.69 -10.50 7.67
N PRO A 50 1.90 -11.65 7.01
CA PRO A 50 3.22 -12.03 6.51
C PRO A 50 3.68 -11.17 5.33
N LYS A 51 4.91 -10.69 5.39
CA LYS A 51 5.47 -9.86 4.34
C LYS A 51 5.24 -10.49 2.97
N LYS A 52 5.41 -11.80 2.90
CA LYS A 52 5.22 -12.53 1.65
C LYS A 52 3.81 -12.30 1.08
N GLU A 53 2.93 -11.76 1.92
CA GLU A 53 1.57 -11.49 1.50
C GLU A 53 1.36 -10.00 1.23
N ILE A 54 2.27 -9.18 1.78
CA ILE A 54 2.19 -7.73 1.60
C ILE A 54 3.03 -7.28 0.41
N ASN A 55 4.03 -8.09 0.06
CA ASN A 55 4.92 -7.78 -1.06
C ASN A 55 4.33 -8.28 -2.38
N ARG A 56 3.51 -9.33 -2.29
CA ARG A 56 2.89 -9.90 -3.48
C ARG A 56 1.64 -9.11 -3.88
N VAL A 57 1.11 -8.34 -2.93
CA VAL A 57 -0.08 -7.53 -3.19
C VAL A 57 0.29 -6.09 -3.52
N LEU A 58 1.50 -5.69 -3.11
CA LEU A 58 1.98 -4.33 -3.37
C LEU A 58 2.46 -4.19 -4.80
N TYR A 59 2.92 -5.29 -5.38
CA TYR A 59 3.41 -5.29 -6.75
C TYR A 59 2.31 -5.68 -7.73
N SER A 60 1.15 -6.02 -7.20
CA SER A 60 0.01 -6.41 -8.02
C SER A 60 -1.01 -5.29 -8.11
N LEU A 61 -0.96 -4.37 -7.15
CA LEU A 61 -1.88 -3.23 -7.12
C LEU A 61 -1.26 -2.01 -7.79
N ALA A 62 0.04 -1.85 -7.63
CA ALA A 62 0.75 -0.72 -8.21
C ALA A 62 0.82 -0.86 -9.74
N LYS A 63 0.82 -2.09 -10.22
CA LYS A 63 0.89 -2.36 -11.65
C LYS A 63 -0.46 -2.07 -12.32
N LYS A 64 -1.53 -2.22 -11.55
CA LYS A 64 -2.88 -1.97 -12.07
C LYS A 64 -3.24 -0.50 -11.95
N GLY A 65 -2.32 0.30 -11.41
CA GLY A 65 -2.57 1.72 -11.26
C GLY A 65 -3.52 2.02 -10.12
N LYS A 66 -3.52 1.17 -9.11
CA LYS A 66 -4.39 1.35 -7.95
C LYS A 66 -3.58 1.65 -6.70
N LEU A 67 -2.46 2.33 -6.87
CA LEU A 67 -1.58 2.68 -5.76
C LEU A 67 -0.40 3.51 -6.22
N GLN A 68 -0.20 4.66 -5.59
CA GLN A 68 0.89 5.55 -5.94
C GLN A 68 2.23 4.99 -5.46
N LYS A 69 3.24 5.06 -6.31
CA LYS A 69 4.56 4.56 -5.97
C LYS A 69 5.58 5.70 -5.91
N GLU A 70 6.01 6.05 -4.69
CA GLU A 70 6.97 7.12 -4.50
C GLU A 70 8.27 6.81 -5.23
N ALA A 71 9.29 7.62 -4.97
CA ALA A 71 10.60 7.44 -5.60
C ALA A 71 11.20 6.09 -5.24
N GLY A 72 10.75 5.04 -5.93
CA GLY A 72 11.26 3.71 -5.67
C GLY A 72 10.20 2.80 -5.05
N THR A 73 10.37 1.50 -5.24
CA THR A 73 9.43 0.52 -4.69
C THR A 73 9.35 0.62 -3.18
N PRO A 74 10.50 0.42 -2.50
CA PRO A 74 10.59 0.48 -1.05
C PRO A 74 10.41 1.90 -0.52
N ALA A 75 10.18 2.84 -1.43
CA ALA A 75 10.00 4.23 -1.05
C ALA A 75 8.80 4.40 -0.12
N LEU A 76 7.60 4.30 -0.67
CA LEU A 76 6.38 4.43 0.11
C LEU A 76 5.16 3.99 -0.68
N TRP A 77 4.00 4.01 -0.05
CA TRP A 77 2.76 3.61 -0.70
C TRP A 77 1.60 4.48 -0.26
N LYS A 78 0.78 4.90 -1.21
CA LYS A 78 -0.38 5.75 -0.92
C LYS A 78 -1.43 5.62 -2.02
N ILE A 79 -2.70 5.62 -1.60
CA ILE A 79 -3.81 5.52 -2.56
C ILE A 79 -3.55 6.35 -3.79
N ALA A 80 -4.15 5.96 -4.91
CA ALA A 80 -4.00 6.68 -6.16
C ALA A 80 -3.71 8.15 -5.92
N VAL A 81 -2.68 8.67 -6.59
CA VAL A 81 -2.30 10.07 -6.44
C VAL A 81 -3.49 10.99 -6.61
N SER A 82 -3.99 11.08 -7.85
CA SER A 82 -5.13 11.93 -8.15
C SER A 82 -5.54 11.79 -9.61
N THR A 83 -4.56 11.92 -10.51
CA THR A 83 -4.81 11.81 -11.94
C THR A 83 -4.00 10.69 -12.57
N GLN A 84 -4.35 10.31 -13.78
CA GLN A 84 -3.64 9.25 -14.49
C GLN A 84 -3.73 7.93 -13.72
N GLU A 22 -6.62 -9.45 0.24
CA GLU A 22 -6.99 -8.52 -0.82
C GLU A 22 -8.16 -7.64 -0.39
N GLN A 23 -9.05 -8.21 0.43
CA GLN A 23 -10.22 -7.49 0.91
C GLN A 23 -9.89 -6.71 2.19
N ARG A 24 -8.90 -7.21 2.92
CA ARG A 24 -8.49 -6.57 4.17
C ARG A 24 -7.51 -5.43 3.91
N ILE A 25 -6.83 -5.51 2.76
CA ILE A 25 -5.86 -4.48 2.39
C ILE A 25 -6.53 -3.31 1.69
N LEU A 26 -7.54 -3.61 0.88
CA LEU A 26 -8.28 -2.57 0.15
C LEU A 26 -9.25 -1.85 1.08
N LYS A 27 -9.48 -2.43 2.26
CA LYS A 27 -10.39 -1.84 3.23
C LYS A 27 -9.63 -1.04 4.28
N PHE A 28 -8.31 -1.24 4.32
CA PHE A 28 -7.46 -0.54 5.27
C PHE A 28 -6.72 0.61 4.60
N LEU A 29 -6.50 0.49 3.30
CA LEU A 29 -5.80 1.52 2.54
C LEU A 29 -6.75 2.64 2.13
N GLU A 30 -8.05 2.35 2.20
CA GLU A 30 -9.06 3.34 1.83
C GLU A 30 -9.65 4.00 3.08
N GLU A 31 -9.32 3.45 4.24
CA GLU A 31 -9.82 3.98 5.50
C GLU A 31 -8.73 4.77 6.23
N LEU A 32 -7.48 4.48 5.91
CA LEU A 32 -6.34 5.16 6.52
C LEU A 32 -6.56 6.66 6.56
N GLY A 33 -6.43 7.30 5.40
CA GLY A 33 -6.62 8.74 5.33
C GLY A 33 -6.03 9.34 4.06
N GLU A 34 -6.62 8.99 2.92
CA GLU A 34 -6.15 9.50 1.64
C GLU A 34 -5.05 10.53 1.83
N GLY A 35 -3.81 10.05 1.91
CA GLY A 35 -2.69 10.94 2.10
C GLY A 35 -1.85 10.59 3.32
N LYS A 36 -1.75 9.30 3.60
CA LYS A 36 -0.97 8.82 4.75
C LYS A 36 -0.02 7.71 4.34
N ALA A 37 1.10 8.09 3.73
CA ALA A 37 2.09 7.13 3.29
C ALA A 37 2.48 6.18 4.43
N THR A 38 2.94 4.99 4.07
CA THR A 38 3.34 3.99 5.06
C THR A 38 4.06 2.82 4.40
N THR A 39 5.22 2.48 4.92
CA THR A 39 6.01 1.37 4.39
C THR A 39 5.30 0.04 4.60
N ALA A 40 5.61 -0.93 3.75
CA ALA A 40 5.00 -2.26 3.85
C ALA A 40 5.22 -2.85 5.23
N HIS A 41 6.44 -2.76 5.73
CA HIS A 41 6.78 -3.29 7.05
C HIS A 41 5.86 -2.72 8.12
N ASP A 42 5.29 -1.54 7.84
CA ASP A 42 4.39 -0.89 8.78
C ASP A 42 3.01 -1.51 8.72
N LEU A 43 2.64 -2.02 7.55
CA LEU A 43 1.33 -2.64 7.36
C LEU A 43 1.37 -4.12 7.71
N SER A 44 2.57 -4.68 7.73
CA SER A 44 2.75 -6.10 8.06
C SER A 44 3.04 -6.29 9.54
N GLY A 45 3.39 -5.20 10.21
CA GLY A 45 3.69 -5.26 11.62
C GLY A 45 2.58 -4.69 12.49
N LYS A 46 1.63 -4.00 11.85
CA LYS A 46 0.51 -3.40 12.56
C LYS A 46 -0.69 -4.35 12.58
N LEU A 47 -0.88 -5.08 11.48
CA LEU A 47 -1.98 -6.03 11.38
C LEU A 47 -1.48 -7.47 11.41
N GLY A 48 -0.16 -7.62 11.41
CA GLY A 48 0.43 -8.95 11.45
C GLY A 48 0.61 -9.55 10.07
N THR A 49 -0.28 -9.18 9.15
CA THR A 49 -0.23 -9.69 7.78
C THR A 49 1.21 -10.00 7.38
N PRO A 50 1.41 -11.18 6.76
CA PRO A 50 2.72 -11.62 6.30
C PRO A 50 3.23 -10.82 5.11
N LYS A 51 4.48 -10.37 5.20
CA LYS A 51 5.08 -9.58 4.12
C LYS A 51 4.85 -10.25 2.76
N LYS A 52 4.94 -11.57 2.73
CA LYS A 52 4.74 -12.33 1.51
C LYS A 52 3.37 -12.03 0.91
N GLU A 53 2.51 -11.39 1.69
CA GLU A 53 1.17 -11.05 1.23
C GLU A 53 1.04 -9.56 0.96
N ILE A 54 2.03 -8.79 1.42
CA ILE A 54 2.04 -7.35 1.22
C ILE A 54 2.99 -6.95 0.10
N ASN A 55 3.92 -7.85 -0.22
CA ASN A 55 4.89 -7.60 -1.28
C ASN A 55 4.39 -8.12 -2.62
N ARG A 56 3.48 -9.10 -2.56
CA ARG A 56 2.92 -9.69 -3.77
C ARG A 56 1.68 -8.93 -4.22
N VAL A 57 1.10 -8.17 -3.30
CA VAL A 57 -0.10 -7.39 -3.61
C VAL A 57 0.25 -5.95 -3.95
N LEU A 58 1.36 -5.47 -3.41
CA LEU A 58 1.81 -4.11 -3.66
C LEU A 58 2.35 -3.96 -5.08
N TYR A 59 2.90 -5.05 -5.62
CA TYR A 59 3.44 -5.04 -6.97
C TYR A 59 2.38 -5.44 -7.99
N SER A 60 1.18 -5.76 -7.50
CA SER A 60 0.08 -6.15 -8.36
C SER A 60 -0.97 -5.06 -8.45
N LEU A 61 -0.96 -4.16 -7.47
CA LEU A 61 -1.92 -3.05 -7.43
C LEU A 61 -1.32 -1.79 -8.01
N ALA A 62 -0.01 -1.63 -7.82
CA ALA A 62 0.70 -0.45 -8.34
C ALA A 62 0.85 -0.53 -9.85
N LYS A 63 0.91 -1.75 -10.38
CA LYS A 63 1.06 -1.96 -11.82
C LYS A 63 -0.26 -1.69 -12.54
N LYS A 64 -1.37 -1.90 -11.84
CA LYS A 64 -2.69 -1.68 -12.41
C LYS A 64 -3.10 -0.22 -12.30
N GLY A 65 -2.28 0.57 -11.60
CA GLY A 65 -2.58 1.97 -11.43
C GLY A 65 -3.61 2.22 -10.34
N LYS A 66 -3.62 1.36 -9.33
CA LYS A 66 -4.56 1.48 -8.23
C LYS A 66 -3.82 1.79 -6.92
N LEU A 67 -2.64 2.38 -7.04
CA LEU A 67 -1.84 2.73 -5.87
C LEU A 67 -0.57 3.47 -6.28
N GLN A 68 -0.32 4.61 -5.65
CA GLN A 68 0.86 5.40 -5.96
C GLN A 68 2.14 4.64 -5.59
N LYS A 69 3.25 5.04 -6.20
CA LYS A 69 4.53 4.40 -5.94
C LYS A 69 5.67 5.42 -5.98
N GLU A 70 6.16 5.78 -4.80
CA GLU A 70 7.26 6.75 -4.70
C GLU A 70 8.53 6.20 -5.35
N ALA A 71 9.45 7.10 -5.69
CA ALA A 71 10.70 6.71 -6.31
C ALA A 71 11.29 5.47 -5.65
N GLY A 72 10.95 4.30 -6.18
CA GLY A 72 11.45 3.06 -5.63
C GLY A 72 10.38 2.28 -4.88
N THR A 73 10.47 0.97 -4.93
CA THR A 73 9.50 0.11 -4.25
C THR A 73 9.43 0.43 -2.76
N PRO A 74 10.57 0.29 -2.07
CA PRO A 74 10.66 0.56 -0.63
C PRO A 74 10.53 2.05 -0.31
N ALA A 75 10.31 2.85 -1.34
CA ALA A 75 10.17 4.30 -1.18
C ALA A 75 9.01 4.63 -0.25
N LEU A 76 7.79 4.35 -0.72
CA LEU A 76 6.59 4.62 0.07
C LEU A 76 5.34 4.17 -0.68
N TRP A 77 4.19 4.27 -0.02
CA TRP A 77 2.92 3.88 -0.62
C TRP A 77 1.81 4.81 -0.19
N LYS A 78 0.80 4.95 -1.04
CA LYS A 78 -0.33 5.82 -0.76
C LYS A 78 -1.40 5.73 -1.85
N ILE A 79 -2.65 5.55 -1.44
CA ILE A 79 -3.75 5.44 -2.39
C ILE A 79 -3.58 6.41 -3.56
N ALA A 80 -4.18 6.08 -4.69
CA ALA A 80 -4.10 6.92 -5.88
C ALA A 80 -4.07 8.40 -5.49
N VAL A 81 -3.16 9.15 -6.11
CA VAL A 81 -3.04 10.58 -5.83
C VAL A 81 -4.34 11.31 -6.10
N SER A 82 -5.08 10.85 -7.12
CA SER A 82 -6.35 11.46 -7.49
C SER A 82 -7.27 11.58 -6.27
N THR A 83 -7.40 12.80 -5.76
CA THR A 83 -8.24 13.06 -4.60
C THR A 83 -8.71 14.51 -4.58
N GLN A 84 -9.53 14.84 -3.58
CA GLN A 84 -10.05 16.20 -3.45
C GLN A 84 -8.93 17.22 -3.49
N GLU A 22 -6.71 -9.07 -0.32
CA GLU A 22 -7.07 -8.10 -1.34
C GLU A 22 -8.23 -7.22 -0.86
N GLN A 23 -9.11 -7.80 -0.05
CA GLN A 23 -10.26 -7.07 0.47
C GLN A 23 -9.89 -6.30 1.74
N ARG A 24 -8.94 -6.85 2.50
CA ARG A 24 -8.49 -6.21 3.73
C ARG A 24 -7.50 -5.09 3.44
N ILE A 25 -6.82 -5.19 2.31
CA ILE A 25 -5.85 -4.18 1.91
C ILE A 25 -6.52 -2.99 1.24
N LEU A 26 -7.59 -3.27 0.50
CA LEU A 26 -8.33 -2.23 -0.19
C LEU A 26 -9.26 -1.48 0.77
N LYS A 27 -9.45 -2.05 1.95
CA LYS A 27 -10.31 -1.45 2.96
C LYS A 27 -9.49 -0.65 3.97
N PHE A 28 -8.19 -0.92 4.01
CA PHE A 28 -7.29 -0.23 4.92
C PHE A 28 -6.56 0.90 4.21
N LEU A 29 -6.40 0.77 2.90
CA LEU A 29 -5.72 1.78 2.11
C LEU A 29 -6.68 2.90 1.69
N GLU A 30 -7.97 2.66 1.91
CA GLU A 30 -8.99 3.65 1.55
C GLU A 30 -9.49 4.37 2.81
N GLU A 31 -9.01 3.94 3.97
CA GLU A 31 -9.41 4.55 5.23
C GLU A 31 -8.20 5.06 6.00
N LEU A 32 -7.07 5.17 5.30
CA LEU A 32 -5.84 5.65 5.93
C LEU A 32 -5.81 7.17 5.97
N GLY A 33 -6.38 7.81 4.95
CA GLY A 33 -6.42 9.26 4.90
C GLY A 33 -5.78 9.81 3.64
N GLU A 34 -6.50 9.72 2.52
CA GLU A 34 -6.00 10.21 1.24
C GLU A 34 -4.89 11.24 1.45
N GLY A 35 -3.72 10.98 0.87
CA GLY A 35 -2.61 11.91 1.01
C GLY A 35 -1.59 11.42 2.03
N LYS A 36 -1.90 10.33 2.71
CA LYS A 36 -1.01 9.77 3.72
C LYS A 36 0.14 9.01 3.07
N ALA A 37 0.80 8.18 3.86
CA ALA A 37 1.93 7.39 3.36
C ALA A 37 2.42 6.41 4.42
N THR A 38 2.59 5.15 4.02
CA THR A 38 3.05 4.11 4.93
C THR A 38 3.98 3.13 4.23
N THR A 39 4.76 2.39 5.01
CA THR A 39 5.69 1.41 4.45
C THR A 39 5.05 0.03 4.36
N ALA A 40 5.80 -0.92 3.82
CA ALA A 40 5.31 -2.29 3.69
C ALA A 40 5.55 -3.09 4.96
N HIS A 41 6.66 -2.80 5.64
CA HIS A 41 6.99 -3.49 6.87
C HIS A 41 6.12 -3.02 8.03
N ASP A 42 5.59 -1.80 7.90
CA ASP A 42 4.73 -1.23 8.94
C ASP A 42 3.29 -1.70 8.77
N LEU A 43 2.98 -2.23 7.59
CA LEU A 43 1.63 -2.72 7.31
C LEU A 43 1.55 -4.22 7.49
N SER A 44 2.71 -4.87 7.55
CA SER A 44 2.78 -6.32 7.72
C SER A 44 3.03 -6.69 9.18
N GLY A 45 3.46 -5.70 9.97
CA GLY A 45 3.73 -5.94 11.37
C GLY A 45 2.62 -5.43 12.27
N LYS A 46 1.83 -4.50 11.76
CA LYS A 46 0.72 -3.94 12.52
C LYS A 46 -0.52 -4.82 12.44
N LEU A 47 -0.79 -5.35 11.25
CA LEU A 47 -1.93 -6.22 11.05
C LEU A 47 -1.53 -7.69 11.14
N GLY A 48 -0.22 -7.94 11.21
CA GLY A 48 0.27 -9.30 11.32
C GLY A 48 0.51 -9.93 9.96
N THR A 49 -0.25 -9.49 8.96
CA THR A 49 -0.12 -10.02 7.60
C THR A 49 1.34 -10.31 7.27
N PRO A 50 1.59 -11.50 6.70
CA PRO A 50 2.94 -11.92 6.32
C PRO A 50 3.47 -11.13 5.13
N LYS A 51 4.75 -10.74 5.22
CA LYS A 51 5.37 -9.98 4.14
C LYS A 51 5.16 -10.65 2.79
N LYS A 52 5.22 -11.97 2.78
CA LYS A 52 5.02 -12.74 1.55
C LYS A 52 3.63 -12.50 0.98
N GLU A 53 2.77 -11.86 1.76
CA GLU A 53 1.42 -11.56 1.33
C GLU A 53 1.27 -10.09 0.96
N ILE A 54 2.21 -9.27 1.43
CA ILE A 54 2.18 -7.84 1.15
C ILE A 54 2.99 -7.52 -0.11
N ASN A 55 4.05 -8.29 -0.34
CA ASN A 55 4.90 -8.09 -1.50
C ASN A 55 4.24 -8.63 -2.76
N ARG A 56 3.50 -9.73 -2.62
CA ARG A 56 2.82 -10.34 -3.74
C ARG A 56 1.58 -9.54 -4.14
N VAL A 57 1.11 -8.70 -3.24
CA VAL A 57 -0.06 -7.87 -3.50
C VAL A 57 0.35 -6.45 -3.88
N LEU A 58 1.58 -6.08 -3.54
CA LEU A 58 2.09 -4.75 -3.85
C LEU A 58 2.52 -4.65 -5.31
N TYR A 59 3.07 -5.74 -5.83
CA TYR A 59 3.53 -5.78 -7.21
C TYR A 59 2.39 -6.20 -8.14
N SER A 60 1.22 -6.41 -7.57
CA SER A 60 0.05 -6.82 -8.36
C SER A 60 -0.98 -5.68 -8.42
N LEU A 61 -0.90 -4.76 -7.47
CA LEU A 61 -1.81 -3.63 -7.41
C LEU A 61 -1.23 -2.42 -8.13
N ALA A 62 0.04 -2.15 -7.90
CA ALA A 62 0.73 -1.03 -8.53
C ALA A 62 0.57 -1.08 -10.04
N LYS A 63 0.27 -2.27 -10.57
CA LYS A 63 0.10 -2.44 -12.01
C LYS A 63 -1.34 -2.14 -12.43
N LYS A 64 -2.25 -2.19 -11.46
CA LYS A 64 -3.66 -1.91 -11.72
C LYS A 64 -3.98 -0.43 -11.48
N GLY A 65 -3.16 0.22 -10.67
CA GLY A 65 -3.38 1.63 -10.37
C GLY A 65 -4.24 1.84 -9.14
N LYS A 66 -3.98 1.06 -8.09
CA LYS A 66 -4.75 1.16 -6.86
C LYS A 66 -3.82 1.43 -5.67
N LEU A 67 -2.61 1.88 -5.96
CA LEU A 67 -1.64 2.18 -4.92
C LEU A 67 -0.42 2.91 -5.49
N GLN A 68 -0.34 4.21 -5.21
CA GLN A 68 0.77 5.01 -5.71
C GLN A 68 2.11 4.34 -5.42
N LYS A 69 3.16 4.81 -6.07
CA LYS A 69 4.50 4.26 -5.88
C LYS A 69 5.56 5.36 -5.86
N GLU A 70 5.76 5.95 -4.69
CA GLU A 70 6.74 7.02 -4.53
C GLU A 70 8.04 6.68 -5.25
N ALA A 71 8.94 7.64 -5.32
CA ALA A 71 10.23 7.44 -5.97
C ALA A 71 11.04 6.36 -5.27
N GLY A 72 10.83 5.11 -5.67
CA GLY A 72 11.56 4.00 -5.06
C GLY A 72 10.63 2.98 -4.43
N THR A 73 11.13 1.77 -4.24
CA THR A 73 10.35 0.70 -3.64
C THR A 73 10.04 0.99 -2.18
N PRO A 74 11.10 1.00 -1.35
CA PRO A 74 10.96 1.26 0.09
C PRO A 74 10.60 2.71 0.38
N ALA A 75 10.44 3.50 -0.68
CA ALA A 75 10.10 4.91 -0.53
C ALA A 75 8.89 5.09 0.37
N LEU A 76 7.73 4.60 -0.08
CA LEU A 76 6.50 4.71 0.70
C LEU A 76 5.32 4.12 -0.07
N TRP A 77 4.11 4.50 0.33
CA TRP A 77 2.90 4.01 -0.32
C TRP A 77 1.69 4.84 0.09
N LYS A 78 0.82 5.12 -0.87
CA LYS A 78 -0.39 5.90 -0.60
C LYS A 78 -1.44 5.67 -1.69
N ILE A 79 -2.70 5.81 -1.32
CA ILE A 79 -3.80 5.62 -2.26
C ILE A 79 -3.52 6.31 -3.58
N ALA A 80 -4.24 5.90 -4.62
CA ALA A 80 -4.07 6.49 -5.95
C ALA A 80 -3.60 7.93 -5.85
N VAL A 81 -2.43 8.21 -6.41
CA VAL A 81 -1.87 9.56 -6.39
C VAL A 81 -2.94 10.60 -6.71
N SER A 82 -3.47 10.54 -7.94
CA SER A 82 -4.50 11.48 -8.37
C SER A 82 -4.90 11.21 -9.81
N THR A 83 -4.04 11.60 -10.75
CA THR A 83 -4.31 11.40 -12.17
C THR A 83 -3.02 11.44 -12.98
N GLN A 84 -1.98 10.80 -12.46
CA GLN A 84 -0.69 10.76 -13.15
C GLN A 84 0.12 9.55 -12.71
N GLU A 22 -7.25 -9.08 -0.68
CA GLU A 22 -7.87 -8.13 -1.60
C GLU A 22 -9.03 -7.41 -0.92
N GLN A 23 -9.56 -8.02 0.14
CA GLN A 23 -10.68 -7.44 0.87
C GLN A 23 -10.22 -6.87 2.21
N ARG A 24 -8.95 -7.09 2.54
CA ARG A 24 -8.39 -6.60 3.79
C ARG A 24 -7.33 -5.54 3.52
N ILE A 25 -6.91 -5.42 2.26
CA ILE A 25 -5.90 -4.44 1.88
C ILE A 25 -6.55 -3.20 1.29
N LEU A 26 -7.67 -3.38 0.60
CA LEU A 26 -8.38 -2.27 -0.02
C LEU A 26 -9.27 -1.56 1.01
N LYS A 27 -9.46 -2.20 2.16
CA LYS A 27 -10.28 -1.62 3.22
C LYS A 27 -9.42 -0.90 4.25
N PHE A 28 -8.13 -1.22 4.26
CA PHE A 28 -7.20 -0.61 5.20
C PHE A 28 -6.49 0.58 4.56
N LEU A 29 -6.32 0.53 3.25
CA LEU A 29 -5.66 1.61 2.51
C LEU A 29 -6.63 2.75 2.23
N GLU A 30 -7.92 2.48 2.38
CA GLU A 30 -8.94 3.49 2.15
C GLU A 30 -9.35 4.17 3.45
N GLU A 31 -9.12 3.48 4.57
CA GLU A 31 -9.46 4.01 5.87
C GLU A 31 -8.28 4.78 6.47
N LEU A 32 -7.07 4.44 6.03
CA LEU A 32 -5.87 5.10 6.51
C LEU A 32 -6.09 6.60 6.68
N GLY A 33 -6.16 7.31 5.55
CA GLY A 33 -6.38 8.74 5.60
C GLY A 33 -5.92 9.43 4.33
N GLU A 34 -6.58 9.11 3.21
CA GLU A 34 -6.24 9.70 1.92
C GLU A 34 -5.18 10.78 2.09
N GLY A 35 -3.92 10.37 2.14
CA GLY A 35 -2.83 11.31 2.29
C GLY A 35 -1.92 10.96 3.45
N LYS A 36 -1.83 9.67 3.77
CA LYS A 36 -0.98 9.20 4.85
C LYS A 36 -0.16 7.99 4.42
N ALA A 37 0.94 8.26 3.73
CA ALA A 37 1.82 7.19 3.25
C ALA A 37 2.18 6.23 4.38
N THR A 38 2.58 5.02 4.02
CA THR A 38 2.95 4.02 5.00
C THR A 38 3.74 2.88 4.36
N THR A 39 4.93 2.61 4.88
CA THR A 39 5.78 1.55 4.36
C THR A 39 5.13 0.19 4.56
N ALA A 40 5.47 -0.75 3.69
CA ALA A 40 4.93 -2.10 3.77
C ALA A 40 5.17 -2.71 5.14
N HIS A 41 6.38 -2.53 5.65
CA HIS A 41 6.74 -3.06 6.97
C HIS A 41 5.76 -2.60 8.03
N ASP A 42 5.17 -1.43 7.82
CA ASP A 42 4.21 -0.87 8.76
C ASP A 42 2.85 -1.53 8.60
N LEU A 43 2.62 -2.11 7.43
CA LEU A 43 1.35 -2.78 7.14
C LEU A 43 1.44 -4.27 7.44
N SER A 44 2.67 -4.77 7.57
CA SER A 44 2.88 -6.18 7.86
C SER A 44 3.08 -6.41 9.36
N GLY A 45 3.41 -5.34 10.07
CA GLY A 45 3.62 -5.43 11.50
C GLY A 45 2.42 -4.95 12.29
N LYS A 46 1.48 -4.30 11.61
CA LYS A 46 0.29 -3.78 12.27
C LYS A 46 -0.87 -4.78 12.17
N LEU A 47 -0.99 -5.41 11.00
CA LEU A 47 -2.05 -6.40 10.78
C LEU A 47 -1.48 -7.82 10.78
N GLY A 48 -0.18 -7.92 10.99
CA GLY A 48 0.45 -9.23 11.02
C GLY A 48 0.77 -9.76 9.63
N THR A 49 -0.09 -9.43 8.68
CA THR A 49 0.09 -9.87 7.29
C THR A 49 1.57 -10.10 6.99
N PRO A 50 1.89 -11.29 6.44
CA PRO A 50 3.25 -11.65 6.08
C PRO A 50 3.78 -10.85 4.90
N LYS A 51 5.02 -10.38 5.00
CA LYS A 51 5.64 -9.61 3.94
C LYS A 51 5.46 -10.29 2.58
N LYS A 52 5.55 -11.62 2.59
CA LYS A 52 5.40 -12.39 1.37
C LYS A 52 4.03 -12.16 0.74
N GLU A 53 3.13 -11.54 1.50
CA GLU A 53 1.79 -11.25 1.02
C GLU A 53 1.64 -9.77 0.68
N ILE A 54 2.43 -8.93 1.33
CA ILE A 54 2.39 -7.50 1.10
C ILE A 54 3.25 -7.10 -0.09
N ASN A 55 4.26 -7.92 -0.38
CA ASN A 55 5.16 -7.66 -1.49
C ASN A 55 4.58 -8.18 -2.80
N ARG A 56 3.68 -9.16 -2.70
CA ARG A 56 3.05 -9.75 -3.88
C ARG A 56 1.79 -8.99 -4.24
N VAL A 57 1.20 -8.29 -3.28
CA VAL A 57 -0.01 -7.53 -3.51
C VAL A 57 0.31 -6.07 -3.83
N LEU A 58 1.47 -5.62 -3.39
CA LEU A 58 1.89 -4.25 -3.63
C LEU A 58 2.27 -4.04 -5.09
N TYR A 59 2.80 -5.08 -5.71
CA TYR A 59 3.20 -5.02 -7.11
C TYR A 59 2.04 -5.39 -8.03
N SER A 60 0.92 -5.80 -7.42
CA SER A 60 -0.26 -6.18 -8.18
C SER A 60 -1.33 -5.11 -8.09
N LEU A 61 -1.26 -4.29 -7.05
CA LEU A 61 -2.23 -3.22 -6.85
C LEU A 61 -1.75 -1.92 -7.51
N ALA A 62 -0.44 -1.72 -7.50
CA ALA A 62 0.15 -0.52 -8.09
C ALA A 62 0.12 -0.59 -9.62
N LYS A 63 0.15 -1.80 -10.15
CA LYS A 63 0.13 -2.01 -11.59
C LYS A 63 -1.28 -1.78 -12.15
N LYS A 64 -2.28 -2.08 -11.33
CA LYS A 64 -3.67 -1.91 -11.74
C LYS A 64 -4.11 -0.45 -11.58
N GLY A 65 -3.18 0.40 -11.15
CA GLY A 65 -3.49 1.80 -10.96
C GLY A 65 -4.32 2.06 -9.71
N LYS A 66 -4.29 1.10 -8.79
CA LYS A 66 -5.04 1.22 -7.55
C LYS A 66 -4.10 1.41 -6.36
N LEU A 67 -3.04 2.16 -6.57
CA LEU A 67 -2.06 2.41 -5.51
C LEU A 67 -0.86 3.18 -6.06
N GLN A 68 -0.57 4.32 -5.45
CA GLN A 68 0.55 5.16 -5.86
C GLN A 68 1.89 4.45 -5.61
N LYS A 69 2.94 4.92 -6.27
CA LYS A 69 4.26 4.33 -6.11
C LYS A 69 5.34 5.41 -6.13
N GLU A 70 6.44 5.16 -5.42
CA GLU A 70 7.54 6.11 -5.36
C GLU A 70 8.77 5.56 -6.07
N ALA A 71 9.90 6.23 -5.88
CA ALA A 71 11.15 5.82 -6.51
C ALA A 71 11.95 4.90 -5.58
N GLY A 72 11.55 3.63 -5.55
CA GLY A 72 12.24 2.67 -4.70
C GLY A 72 11.28 1.89 -3.82
N THR A 73 11.72 0.72 -3.35
CA THR A 73 10.89 -0.12 -2.50
C THR A 73 10.58 0.58 -1.18
N PRO A 74 11.62 0.75 -0.34
CA PRO A 74 11.47 1.41 0.96
C PRO A 74 11.20 2.90 0.84
N ALA A 75 10.68 3.31 -0.33
CA ALA A 75 10.37 4.71 -0.57
C ALA A 75 9.11 5.13 0.18
N LEU A 76 7.96 4.67 -0.29
CA LEU A 76 6.68 5.00 0.34
C LEU A 76 5.52 4.56 -0.53
N TRP A 77 4.31 4.66 0.02
CA TRP A 77 3.10 4.28 -0.72
C TRP A 77 1.90 5.07 -0.23
N LYS A 78 0.84 5.08 -1.04
CA LYS A 78 -0.38 5.80 -0.68
C LYS A 78 -1.45 5.60 -1.75
N ILE A 79 -2.71 5.70 -1.33
CA ILE A 79 -3.83 5.53 -2.25
C ILE A 79 -3.60 6.29 -3.55
N ALA A 80 -4.35 5.94 -4.58
CA ALA A 80 -4.23 6.59 -5.88
C ALA A 80 -3.90 8.07 -5.72
N VAL A 81 -3.01 8.56 -6.57
CA VAL A 81 -2.60 9.97 -6.53
C VAL A 81 -3.05 10.71 -7.77
N SER A 82 -2.93 10.06 -8.92
CA SER A 82 -3.33 10.66 -10.19
C SER A 82 -3.13 9.68 -11.34
N THR A 83 -3.50 10.11 -12.54
CA THR A 83 -3.36 9.27 -13.73
C THR A 83 -2.74 10.05 -14.90
N GLN A 84 -1.45 9.85 -15.11
CA GLN A 84 -0.75 10.53 -16.19
C GLN A 84 -1.17 9.98 -17.55
N GLU A 22 -6.48 -9.09 -0.83
CA GLU A 22 -6.74 -8.03 -1.79
C GLU A 22 -7.89 -7.15 -1.31
N GLN A 23 -8.88 -7.76 -0.67
CA GLN A 23 -10.04 -7.03 -0.17
C GLN A 23 -9.72 -6.37 1.17
N ARG A 24 -8.83 -6.98 1.93
CA ARG A 24 -8.44 -6.45 3.23
C ARG A 24 -7.40 -5.34 3.08
N ILE A 25 -6.64 -5.40 2.00
CA ILE A 25 -5.60 -4.40 1.73
C ILE A 25 -6.20 -3.15 1.08
N LEU A 26 -7.23 -3.35 0.27
CA LEU A 26 -7.89 -2.24 -0.41
C LEU A 26 -8.89 -1.55 0.51
N LYS A 27 -9.22 -2.21 1.62
CA LYS A 27 -10.15 -1.66 2.59
C LYS A 27 -9.42 -0.97 3.73
N PHE A 28 -8.13 -1.27 3.87
CA PHE A 28 -7.31 -0.68 4.92
C PHE A 28 -6.53 0.52 4.40
N LEU A 29 -6.25 0.51 3.10
CA LEU A 29 -5.51 1.60 2.47
C LEU A 29 -6.43 2.75 2.10
N GLU A 30 -7.73 2.47 2.07
CA GLU A 30 -8.73 3.49 1.73
C GLU A 30 -9.31 4.11 2.99
N GLU A 31 -9.13 3.44 4.12
CA GLU A 31 -9.64 3.93 5.40
C GLU A 31 -8.56 4.70 6.15
N LEU A 32 -7.31 4.44 5.80
CA LEU A 32 -6.19 5.11 6.45
C LEU A 32 -6.42 6.62 6.54
N GLY A 33 -6.24 7.30 5.41
CA GLY A 33 -6.43 8.74 5.39
C GLY A 33 -5.90 9.37 4.12
N GLU A 34 -6.55 9.10 2.99
CA GLU A 34 -6.13 9.64 1.71
C GLU A 34 -5.05 10.70 1.89
N GLY A 35 -3.80 10.25 1.97
CA GLY A 35 -2.69 11.18 2.15
C GLY A 35 -1.83 10.83 3.34
N LYS A 36 -1.72 9.54 3.63
CA LYS A 36 -0.92 9.07 4.75
C LYS A 36 -0.03 7.89 4.35
N ALA A 37 1.07 8.19 3.67
CA ALA A 37 1.99 7.16 3.23
C ALA A 37 2.39 6.25 4.38
N THR A 38 2.73 5.00 4.05
CA THR A 38 3.13 4.03 5.06
C THR A 38 3.84 2.85 4.43
N THR A 39 5.06 2.58 4.91
CA THR A 39 5.85 1.47 4.39
C THR A 39 5.15 0.14 4.60
N ALA A 40 5.52 -0.85 3.80
CA ALA A 40 4.92 -2.19 3.90
C ALA A 40 5.15 -2.79 5.28
N HIS A 41 6.36 -2.63 5.80
CA HIS A 41 6.72 -3.15 7.11
C HIS A 41 5.76 -2.64 8.18
N ASP A 42 5.22 -1.45 7.95
CA ASP A 42 4.29 -0.84 8.90
C ASP A 42 2.90 -1.45 8.76
N LEU A 43 2.64 -2.07 7.61
CA LEU A 43 1.35 -2.69 7.34
C LEU A 43 1.37 -4.17 7.71
N SER A 44 2.57 -4.72 7.82
CA SER A 44 2.74 -6.13 8.16
C SER A 44 2.91 -6.31 9.67
N GLY A 45 3.28 -5.22 10.35
CA GLY A 45 3.47 -5.28 11.79
C GLY A 45 2.30 -4.67 12.55
N LYS A 46 1.38 -4.05 11.82
CA LYS A 46 0.21 -3.42 12.43
C LYS A 46 -1.01 -4.32 12.32
N LEU A 47 -1.07 -5.11 11.26
CA LEU A 47 -2.19 -6.01 11.03
C LEU A 47 -1.72 -7.47 10.99
N GLY A 48 -0.45 -7.69 11.36
CA GLY A 48 0.09 -9.02 11.36
C GLY A 48 0.43 -9.52 9.96
N THR A 49 -0.45 -9.23 9.01
CA THR A 49 -0.24 -9.65 7.63
C THR A 49 1.23 -9.94 7.36
N PRO A 50 1.51 -11.15 6.84
CA PRO A 50 2.86 -11.58 6.52
C PRO A 50 3.45 -10.82 5.34
N LYS A 51 4.71 -10.41 5.46
CA LYS A 51 5.39 -9.66 4.41
C LYS A 51 5.18 -10.34 3.06
N LYS A 52 5.25 -11.67 3.04
CA LYS A 52 5.07 -12.44 1.82
C LYS A 52 3.70 -12.15 1.20
N GLU A 53 2.89 -11.37 1.90
CA GLU A 53 1.56 -11.02 1.42
C GLU A 53 1.46 -9.54 1.12
N ILE A 54 2.50 -8.79 1.48
CA ILE A 54 2.53 -7.36 1.25
C ILE A 54 3.39 -7.01 0.03
N ASN A 55 4.39 -7.85 -0.23
CA ASN A 55 5.29 -7.63 -1.36
C ASN A 55 4.69 -8.20 -2.64
N ARG A 56 3.88 -9.24 -2.50
CA ARG A 56 3.25 -9.89 -3.64
C ARG A 56 2.01 -9.11 -4.08
N VAL A 57 1.50 -8.26 -3.19
CA VAL A 57 0.31 -7.47 -3.49
C VAL A 57 0.70 -6.07 -3.95
N LEU A 58 1.88 -5.63 -3.56
CA LEU A 58 2.37 -4.31 -3.94
C LEU A 58 2.57 -4.21 -5.45
N TYR A 59 2.91 -5.33 -6.07
CA TYR A 59 3.14 -5.38 -7.51
C TYR A 59 1.88 -5.82 -8.24
N SER A 60 0.79 -6.02 -7.49
CA SER A 60 -0.47 -6.44 -8.06
C SER A 60 -1.54 -5.37 -7.88
N LEU A 61 -1.23 -4.37 -7.06
CA LEU A 61 -2.17 -3.28 -6.80
C LEU A 61 -1.75 -2.01 -7.54
N ALA A 62 -0.44 -1.82 -7.68
CA ALA A 62 0.09 -0.65 -8.36
C ALA A 62 -0.12 -0.75 -9.87
N LYS A 63 -0.26 -1.99 -10.36
CA LYS A 63 -0.46 -2.23 -11.78
C LYS A 63 -1.91 -1.95 -12.18
N LYS A 64 -2.82 -2.11 -11.22
CA LYS A 64 -4.23 -1.87 -11.47
C LYS A 64 -4.59 -0.41 -11.23
N GLY A 65 -3.57 0.41 -10.95
CA GLY A 65 -3.79 1.82 -10.70
C GLY A 65 -4.49 2.07 -9.39
N LYS A 66 -4.33 1.14 -8.44
CA LYS A 66 -4.95 1.26 -7.13
C LYS A 66 -3.90 1.39 -6.04
N LEU A 67 -2.80 2.08 -6.35
CA LEU A 67 -1.72 2.28 -5.40
C LEU A 67 -0.52 2.95 -6.07
N GLN A 68 -0.15 4.11 -5.55
CA GLN A 68 0.97 4.87 -6.10
C GLN A 68 2.29 4.11 -5.88
N LYS A 69 3.38 4.70 -6.34
CA LYS A 69 4.70 4.08 -6.20
C LYS A 69 5.79 5.15 -6.13
N GLU A 70 5.96 5.74 -4.95
CA GLU A 70 6.97 6.77 -4.76
C GLU A 70 8.29 6.38 -5.42
N ALA A 71 9.22 7.32 -5.48
CA ALA A 71 10.52 7.07 -6.08
C ALA A 71 11.19 5.84 -5.47
N GLY A 72 10.96 4.68 -6.07
CA GLY A 72 11.54 3.46 -5.57
C GLY A 72 10.51 2.54 -4.93
N THR A 73 10.87 1.28 -4.75
CA THR A 73 9.97 0.30 -4.15
C THR A 73 9.79 0.57 -2.65
N PRO A 74 10.91 0.51 -1.90
CA PRO A 74 10.89 0.74 -0.45
C PRO A 74 10.61 2.20 -0.11
N ALA A 75 10.52 3.05 -1.13
CA ALA A 75 10.26 4.46 -0.93
C ALA A 75 9.07 4.67 0.00
N LEU A 76 7.90 4.22 -0.44
CA LEU A 76 6.68 4.36 0.37
C LEU A 76 5.48 3.82 -0.40
N TRP A 77 4.28 4.13 0.10
CA TRP A 77 3.05 3.68 -0.53
C TRP A 77 1.86 4.52 -0.07
N LYS A 78 1.05 4.96 -1.03
CA LYS A 78 -0.12 5.77 -0.73
C LYS A 78 -1.16 5.67 -1.83
N ILE A 79 -2.43 5.77 -1.46
CA ILE A 79 -3.52 5.69 -2.43
C ILE A 79 -3.17 6.46 -3.70
N ALA A 80 -3.81 6.07 -4.80
CA ALA A 80 -3.57 6.72 -6.09
C ALA A 80 -3.07 8.15 -5.90
N VAL A 81 -1.85 8.41 -6.36
CA VAL A 81 -1.26 9.73 -6.24
C VAL A 81 -1.88 10.70 -7.23
N SER A 82 -2.06 11.95 -6.81
CA SER A 82 -2.65 12.98 -7.66
C SER A 82 -1.78 14.23 -7.68
N THR A 83 -1.43 14.68 -8.87
CA THR A 83 -0.60 15.87 -9.04
C THR A 83 0.79 15.65 -8.45
N GLN A 84 1.69 16.59 -8.72
CA GLN A 84 3.06 16.50 -8.21
C GLN A 84 3.19 17.22 -6.88
N GLU A 22 -6.28 -8.72 -0.51
CA GLU A 22 -6.62 -7.63 -1.42
C GLU A 22 -7.82 -6.84 -0.89
N GLN A 23 -8.75 -7.55 -0.24
CA GLN A 23 -9.94 -6.91 0.31
C GLN A 23 -9.64 -6.30 1.67
N ARG A 24 -8.68 -6.87 2.39
CA ARG A 24 -8.29 -6.38 3.70
C ARG A 24 -7.34 -5.20 3.58
N ILE A 25 -6.67 -5.09 2.43
CA ILE A 25 -5.74 -4.00 2.20
C ILE A 25 -6.44 -2.78 1.60
N LEU A 26 -7.41 -3.04 0.74
CA LEU A 26 -8.16 -1.97 0.09
C LEU A 26 -9.21 -1.39 1.05
N LYS A 27 -9.43 -2.08 2.16
CA LYS A 27 -10.40 -1.64 3.16
C LYS A 27 -9.72 -0.90 4.30
N PHE A 28 -8.38 -0.98 4.33
CA PHE A 28 -7.61 -0.33 5.37
C PHE A 28 -6.83 0.86 4.81
N LEU A 29 -6.59 0.84 3.50
CA LEU A 29 -5.86 1.91 2.84
C LEU A 29 -6.82 2.99 2.33
N GLU A 30 -8.10 2.64 2.24
CA GLU A 30 -9.11 3.58 1.77
C GLU A 30 -9.81 4.27 2.95
N GLU A 31 -9.63 3.69 4.14
CA GLU A 31 -10.25 4.25 5.35
C GLU A 31 -9.25 5.11 6.12
N LEU A 32 -7.97 4.82 5.95
CA LEU A 32 -6.92 5.57 6.62
C LEU A 32 -7.12 7.07 6.45
N GLY A 33 -6.98 7.54 5.21
CA GLY A 33 -7.15 8.95 4.92
C GLY A 33 -6.30 9.42 3.76
N GLU A 34 -6.86 9.35 2.57
CA GLU A 34 -6.14 9.77 1.36
C GLU A 34 -5.02 10.75 1.71
N GLY A 35 -3.80 10.43 1.29
CA GLY A 35 -2.67 11.29 1.56
C GLY A 35 -1.69 10.68 2.54
N LYS A 36 -2.09 9.56 3.15
CA LYS A 36 -1.25 8.86 4.11
C LYS A 36 0.05 8.40 3.46
N ALA A 37 0.75 7.49 4.13
CA ALA A 37 2.01 6.96 3.62
C ALA A 37 2.72 6.09 4.66
N THR A 38 3.03 4.86 4.26
CA THR A 38 3.70 3.93 5.16
C THR A 38 4.33 2.78 4.39
N THR A 39 5.51 2.36 4.83
CA THR A 39 6.23 1.26 4.18
C THR A 39 5.49 -0.06 4.36
N ALA A 40 5.69 -0.98 3.42
CA ALA A 40 5.06 -2.29 3.47
C ALA A 40 5.37 -3.00 4.79
N HIS A 41 6.63 -2.95 5.19
CA HIS A 41 7.07 -3.59 6.43
C HIS A 41 6.23 -3.10 7.61
N ASP A 42 5.76 -1.86 7.53
CA ASP A 42 4.95 -1.29 8.59
C ASP A 42 3.52 -1.83 8.54
N LEU A 43 3.08 -2.20 7.35
CA LEU A 43 1.73 -2.74 7.17
C LEU A 43 1.70 -4.23 7.46
N SER A 44 2.88 -4.83 7.62
CA SER A 44 2.98 -6.25 7.90
C SER A 44 3.00 -6.52 9.40
N GLY A 45 3.44 -5.52 10.16
CA GLY A 45 3.50 -5.66 11.61
C GLY A 45 2.36 -4.95 12.30
N LYS A 46 1.66 -4.09 11.56
CA LYS A 46 0.54 -3.33 12.12
C LYS A 46 -0.79 -3.97 11.73
N LEU A 47 -0.72 -5.19 11.21
CA LEU A 47 -1.93 -5.92 10.80
C LEU A 47 -1.69 -7.42 10.81
N GLY A 48 -0.73 -7.86 11.62
CA GLY A 48 -0.42 -9.28 11.71
C GLY A 48 -0.54 -9.98 10.37
N THR A 49 0.11 -9.41 9.36
CA THR A 49 0.06 -9.99 8.02
C THR A 49 1.47 -10.36 7.54
N PRO A 50 1.59 -11.54 6.90
CA PRO A 50 2.87 -12.04 6.39
C PRO A 50 3.36 -11.23 5.20
N LYS A 51 4.63 -10.84 5.24
CA LYS A 51 5.22 -10.06 4.15
C LYS A 51 4.98 -10.73 2.80
N LYS A 52 4.92 -12.05 2.81
CA LYS A 52 4.68 -12.82 1.58
C LYS A 52 3.29 -12.52 1.02
N GLU A 53 2.50 -11.76 1.77
CA GLU A 53 1.15 -11.40 1.35
C GLU A 53 1.03 -9.91 1.11
N ILE A 54 2.06 -9.17 1.51
CA ILE A 54 2.07 -7.71 1.33
C ILE A 54 2.96 -7.32 0.16
N ASN A 55 3.92 -8.17 -0.17
CA ASN A 55 4.84 -7.90 -1.27
C ASN A 55 4.27 -8.41 -2.59
N ARG A 56 3.53 -9.53 -2.52
CA ARG A 56 2.93 -10.12 -3.70
C ARG A 56 1.71 -9.31 -4.16
N VAL A 57 1.10 -8.60 -3.22
CA VAL A 57 -0.07 -7.80 -3.52
C VAL A 57 0.32 -6.38 -3.92
N LEU A 58 1.54 -5.98 -3.55
CA LEU A 58 2.04 -4.65 -3.87
C LEU A 58 2.37 -4.53 -5.35
N TYR A 59 2.88 -5.61 -5.93
CA TYR A 59 3.24 -5.63 -7.34
C TYR A 59 2.04 -5.98 -8.20
N SER A 60 0.92 -6.27 -7.55
CA SER A 60 -0.31 -6.63 -8.25
C SER A 60 -1.30 -5.47 -8.23
N LEU A 61 -1.16 -4.59 -7.26
CA LEU A 61 -2.04 -3.43 -7.13
C LEU A 61 -1.50 -2.24 -7.91
N ALA A 62 -0.19 -2.02 -7.81
CA ALA A 62 0.45 -0.92 -8.52
C ALA A 62 0.30 -1.06 -10.02
N LYS A 63 0.23 -2.30 -10.50
CA LYS A 63 0.08 -2.57 -11.91
C LYS A 63 -1.34 -2.25 -12.38
N LYS A 64 -2.30 -2.38 -11.48
CA LYS A 64 -3.70 -2.10 -11.80
C LYS A 64 -3.99 -0.61 -11.67
N GLY A 65 -3.03 0.14 -11.15
CA GLY A 65 -3.20 1.57 -10.99
C GLY A 65 -4.00 1.91 -9.74
N LYS A 66 -3.91 1.06 -8.73
CA LYS A 66 -4.63 1.28 -7.48
C LYS A 66 -3.66 1.44 -6.32
N LEU A 67 -2.54 2.10 -6.56
CA LEU A 67 -1.52 2.32 -5.54
C LEU A 67 -0.41 3.21 -6.05
N GLN A 68 -0.09 4.26 -5.30
CA GLN A 68 0.96 5.18 -5.68
C GLN A 68 2.31 4.70 -5.20
N LYS A 69 3.36 5.00 -5.97
CA LYS A 69 4.71 4.58 -5.62
C LYS A 69 5.67 5.77 -5.67
N GLU A 70 6.18 6.17 -4.52
CA GLU A 70 7.11 7.29 -4.45
C GLU A 70 8.39 6.99 -5.21
N ALA A 71 9.36 7.89 -5.11
CA ALA A 71 10.64 7.72 -5.79
C ALA A 71 11.41 6.52 -5.24
N GLY A 72 11.09 5.33 -5.75
CA GLY A 72 11.75 4.13 -5.30
C GLY A 72 10.79 3.15 -4.65
N THR A 73 11.11 1.85 -4.75
CA THR A 73 10.27 0.82 -4.18
C THR A 73 10.05 1.03 -2.69
N PRO A 74 11.14 0.92 -1.90
CA PRO A 74 11.09 1.11 -0.45
C PRO A 74 10.84 2.56 -0.06
N ALA A 75 10.60 3.41 -1.06
CA ALA A 75 10.35 4.83 -0.83
C ALA A 75 9.16 5.02 0.10
N LEU A 76 7.96 4.72 -0.41
CA LEU A 76 6.74 4.87 0.36
C LEU A 76 5.53 4.41 -0.44
N TRP A 77 4.34 4.59 0.14
CA TRP A 77 3.10 4.20 -0.53
C TRP A 77 1.95 5.12 -0.11
N LYS A 78 0.86 5.07 -0.86
CA LYS A 78 -0.31 5.88 -0.58
C LYS A 78 -1.36 5.75 -1.67
N ILE A 79 -2.61 5.57 -1.27
CA ILE A 79 -3.71 5.43 -2.22
C ILE A 79 -3.48 6.28 -3.46
N ALA A 80 -3.93 5.79 -4.61
CA ALA A 80 -3.77 6.50 -5.87
C ALA A 80 -3.30 7.94 -5.63
N VAL A 81 -4.22 8.79 -5.21
CA VAL A 81 -3.90 10.19 -4.95
C VAL A 81 -4.70 10.72 -3.76
N SER A 82 -4.50 11.99 -3.44
CA SER A 82 -5.20 12.62 -2.32
C SER A 82 -5.42 14.11 -2.59
N THR A 83 -5.87 14.82 -1.57
CA THR A 83 -6.13 16.26 -1.69
C THR A 83 -4.91 16.99 -2.26
N GLN A 84 -5.13 18.21 -2.71
CA GLN A 84 -4.06 19.01 -3.29
C GLN A 84 -3.48 18.34 -4.53
N GLU A 22 -6.25 -8.39 -0.46
CA GLU A 22 -6.58 -7.32 -1.39
C GLU A 22 -7.77 -6.51 -0.87
N GLN A 23 -8.71 -7.20 -0.21
CA GLN A 23 -9.89 -6.55 0.33
C GLN A 23 -9.61 -5.94 1.70
N ARG A 24 -8.63 -6.50 2.40
CA ARG A 24 -8.26 -6.02 3.72
C ARG A 24 -7.29 -4.85 3.62
N ILE A 25 -6.64 -4.71 2.47
CA ILE A 25 -5.69 -3.63 2.24
C ILE A 25 -6.37 -2.42 1.62
N LEU A 26 -7.35 -2.67 0.75
CA LEU A 26 -8.08 -1.60 0.09
C LEU A 26 -9.12 -0.99 1.03
N LYS A 27 -9.33 -1.63 2.18
CA LYS A 27 -10.29 -1.15 3.16
C LYS A 27 -9.59 -0.37 4.28
N PHE A 28 -8.27 -0.50 4.34
CA PHE A 28 -7.49 0.20 5.35
C PHE A 28 -6.77 1.40 4.75
N LEU A 29 -6.47 1.32 3.45
CA LEU A 29 -5.79 2.40 2.75
C LEU A 29 -6.77 3.49 2.33
N GLU A 30 -8.05 3.13 2.25
CA GLU A 30 -9.09 4.06 1.86
C GLU A 30 -9.67 4.77 3.08
N GLU A 31 -9.63 4.09 4.22
CA GLU A 31 -10.16 4.65 5.46
C GLU A 31 -9.14 5.58 6.12
N LEU A 32 -7.86 5.28 5.91
CA LEU A 32 -6.79 6.10 6.48
C LEU A 32 -6.97 7.57 6.13
N GLY A 33 -6.88 7.87 4.84
CA GLY A 33 -7.04 9.24 4.40
C GLY A 33 -6.08 9.61 3.28
N GLU A 34 -6.61 9.84 2.09
CA GLU A 34 -5.78 10.20 0.94
C GLU A 34 -4.59 11.05 1.37
N GLY A 35 -3.48 10.92 0.66
CA GLY A 35 -2.29 11.68 0.98
C GLY A 35 -1.42 10.98 2.01
N LYS A 36 -1.95 9.93 2.62
CA LYS A 36 -1.22 9.18 3.63
C LYS A 36 0.00 8.50 3.03
N ALA A 37 0.56 7.53 3.74
CA ALA A 37 1.73 6.80 3.27
C ALA A 37 2.20 5.79 4.31
N THR A 38 2.32 4.53 3.89
CA THR A 38 2.76 3.47 4.78
C THR A 38 3.75 2.54 4.10
N THR A 39 4.60 1.89 4.89
CA THR A 39 5.61 0.98 4.35
C THR A 39 5.08 -0.45 4.31
N ALA A 40 5.94 -1.37 3.88
CA ALA A 40 5.57 -2.78 3.80
C ALA A 40 5.81 -3.49 5.13
N HIS A 41 6.82 -3.03 5.86
CA HIS A 41 7.15 -3.62 7.15
C HIS A 41 6.24 -3.09 8.26
N ASP A 42 5.63 -1.95 8.00
CA ASP A 42 4.73 -1.33 8.97
C ASP A 42 3.30 -1.83 8.79
N LEU A 43 3.05 -2.51 7.67
CA LEU A 43 1.73 -3.03 7.37
C LEU A 43 1.68 -4.54 7.61
N SER A 44 2.85 -5.16 7.70
CA SER A 44 2.95 -6.59 7.93
C SER A 44 3.22 -6.90 9.40
N GLY A 45 3.56 -5.86 10.15
CA GLY A 45 3.84 -6.03 11.56
C GLY A 45 2.72 -5.51 12.45
N LYS A 46 1.86 -4.69 11.88
CA LYS A 46 0.74 -4.13 12.62
C LYS A 46 -0.50 -5.02 12.50
N LEU A 47 -0.73 -5.54 11.31
CA LEU A 47 -1.87 -6.41 11.06
C LEU A 47 -1.47 -7.88 11.13
N GLY A 48 -0.16 -8.13 11.21
CA GLY A 48 0.32 -9.49 11.29
C GLY A 48 0.55 -10.10 9.92
N THR A 49 -0.22 -9.65 8.93
CA THR A 49 -0.09 -10.16 7.57
C THR A 49 1.35 -10.49 7.24
N PRO A 50 1.57 -11.66 6.61
CA PRO A 50 2.91 -12.12 6.23
C PRO A 50 3.49 -11.29 5.08
N LYS A 51 4.76 -10.90 5.22
CA LYS A 51 5.44 -10.11 4.20
C LYS A 51 5.23 -10.72 2.82
N LYS A 52 5.33 -12.04 2.74
CA LYS A 52 5.16 -12.75 1.48
C LYS A 52 3.79 -12.44 0.86
N GLU A 53 2.91 -11.84 1.65
CA GLU A 53 1.58 -11.48 1.18
C GLU A 53 1.47 -9.98 0.96
N ILE A 54 2.46 -9.24 1.43
CA ILE A 54 2.47 -7.79 1.29
C ILE A 54 3.42 -7.36 0.17
N ASN A 55 4.36 -8.24 -0.17
CA ASN A 55 5.33 -7.95 -1.23
C ASN A 55 4.83 -8.44 -2.57
N ARG A 56 3.99 -9.47 -2.55
CA ARG A 56 3.44 -10.04 -3.77
C ARG A 56 2.20 -9.27 -4.22
N VAL A 57 1.63 -8.49 -3.31
CA VAL A 57 0.44 -7.71 -3.61
C VAL A 57 0.81 -6.28 -3.99
N LEU A 58 1.84 -5.75 -3.34
CA LEU A 58 2.29 -4.39 -3.61
C LEU A 58 2.65 -4.21 -5.08
N TYR A 59 3.10 -5.29 -5.70
CA TYR A 59 3.49 -5.26 -7.11
C TYR A 59 2.32 -5.66 -8.00
N SER A 60 1.18 -5.96 -7.38
CA SER A 60 -0.01 -6.36 -8.12
C SER A 60 -1.09 -5.28 -8.05
N LEU A 61 -0.99 -4.42 -7.04
CA LEU A 61 -1.95 -3.33 -6.86
C LEU A 61 -1.48 -2.06 -7.57
N ALA A 62 -0.17 -1.81 -7.49
CA ALA A 62 0.41 -0.63 -8.14
C ALA A 62 0.35 -0.75 -9.66
N LYS A 63 0.40 -1.99 -10.16
CA LYS A 63 0.36 -2.24 -11.59
C LYS A 63 -1.04 -1.99 -12.15
N LYS A 64 -2.05 -2.22 -11.31
CA LYS A 64 -3.44 -2.03 -11.72
C LYS A 64 -3.85 -0.57 -11.56
N GLY A 65 -2.98 0.21 -10.92
CA GLY A 65 -3.28 1.62 -10.71
C GLY A 65 -4.12 1.87 -9.49
N LYS A 66 -4.13 0.90 -8.58
CA LYS A 66 -4.91 1.00 -7.34
C LYS A 66 -4.00 1.29 -6.15
N LEU A 67 -2.87 1.93 -6.42
CA LEU A 67 -1.91 2.26 -5.37
C LEU A 67 -0.72 3.02 -5.94
N GLN A 68 -0.50 4.23 -5.45
CA GLN A 68 0.61 5.05 -5.92
C GLN A 68 1.94 4.35 -5.67
N LYS A 69 3.02 4.97 -6.13
CA LYS A 69 4.36 4.41 -5.95
C LYS A 69 5.40 5.51 -5.82
N GLU A 70 5.56 6.02 -4.59
CA GLU A 70 6.52 7.07 -4.33
C GLU A 70 7.84 6.80 -5.04
N ALA A 71 8.73 7.80 -5.05
CA ALA A 71 10.02 7.67 -5.70
C ALA A 71 10.80 6.49 -5.13
N GLY A 72 10.62 5.32 -5.72
CA GLY A 72 11.32 4.14 -5.25
C GLY A 72 10.37 3.06 -4.76
N THR A 73 10.86 1.82 -4.72
CA THR A 73 10.05 0.71 -4.27
C THR A 73 9.72 0.82 -2.78
N PRO A 74 10.76 0.71 -1.94
CA PRO A 74 10.61 0.81 -0.49
C PRO A 74 10.27 2.23 -0.03
N ALA A 75 10.19 3.14 -0.99
CA ALA A 75 9.85 4.53 -0.68
C ALA A 75 8.65 4.63 0.26
N LEU A 76 7.50 4.15 -0.22
CA LEU A 76 6.29 4.18 0.57
C LEU A 76 5.11 3.59 -0.22
N TRP A 77 3.90 3.90 0.23
CA TRP A 77 2.69 3.40 -0.43
C TRP A 77 1.47 4.20 0.00
N LYS A 78 0.68 4.63 -0.97
CA LYS A 78 -0.53 5.40 -0.69
C LYS A 78 -1.56 5.24 -1.81
N ILE A 79 -2.80 5.58 -1.51
CA ILE A 79 -3.88 5.47 -2.50
C ILE A 79 -3.48 6.10 -3.82
N ALA A 80 -4.28 5.86 -4.85
CA ALA A 80 -4.02 6.40 -6.17
C ALA A 80 -3.47 7.82 -6.09
N VAL A 81 -4.16 8.68 -5.34
CA VAL A 81 -3.74 10.06 -5.18
C VAL A 81 -2.28 10.14 -4.74
N SER A 82 -1.53 11.04 -5.36
CA SER A 82 -0.12 11.22 -5.03
C SER A 82 0.10 12.54 -4.29
N THR A 83 1.37 12.86 -4.05
CA THR A 83 1.72 14.09 -3.35
C THR A 83 2.70 14.93 -4.16
N GLN A 84 3.61 14.25 -4.87
CA GLN A 84 4.60 14.94 -5.69
C GLN A 84 5.50 15.82 -4.82
N GLU A 22 -6.80 -8.79 -0.71
CA GLU A 22 -7.11 -7.83 -1.76
C GLU A 22 -8.26 -6.93 -1.34
N GLN A 23 -9.16 -7.47 -0.52
CA GLN A 23 -10.31 -6.70 -0.04
C GLN A 23 -10.01 -6.04 1.30
N ARG A 24 -9.05 -6.61 2.03
CA ARG A 24 -8.66 -6.08 3.33
C ARG A 24 -7.63 -4.97 3.18
N ILE A 25 -6.92 -4.98 2.06
CA ILE A 25 -5.89 -3.97 1.80
C ILE A 25 -6.50 -2.72 1.17
N LEU A 26 -7.50 -2.92 0.33
CA LEU A 26 -8.17 -1.80 -0.33
C LEU A 26 -9.17 -1.13 0.60
N LYS A 27 -9.47 -1.78 1.72
CA LYS A 27 -10.40 -1.24 2.70
C LYS A 27 -9.65 -0.54 3.81
N PHE A 28 -8.36 -0.83 3.95
CA PHE A 28 -7.54 -0.22 4.98
C PHE A 28 -6.77 0.97 4.44
N LEU A 29 -6.52 0.96 3.13
CA LEU A 29 -5.80 2.04 2.48
C LEU A 29 -6.74 3.16 2.07
N GLU A 30 -8.04 2.86 2.06
CA GLU A 30 -9.04 3.84 1.68
C GLU A 30 -9.66 4.49 2.92
N GLU A 31 -9.49 3.84 4.07
CA GLU A 31 -10.03 4.36 5.32
C GLU A 31 -8.97 5.14 6.09
N LEU A 32 -7.70 4.81 5.84
CA LEU A 32 -6.59 5.49 6.52
C LEU A 32 -6.76 7.00 6.46
N GLY A 33 -6.74 7.55 5.25
CA GLY A 33 -6.90 8.99 5.09
C GLY A 33 -6.10 9.52 3.91
N GLU A 34 -6.75 9.63 2.75
CA GLU A 34 -6.10 10.12 1.55
C GLU A 34 -4.93 11.04 1.91
N GLY A 35 -3.78 10.80 1.28
CA GLY A 35 -2.61 11.61 1.55
C GLY A 35 -1.61 10.90 2.44
N LYS A 36 -2.02 9.79 3.02
CA LYS A 36 -1.16 9.02 3.91
C LYS A 36 0.10 8.55 3.18
N ALA A 37 0.85 7.66 3.81
CA ALA A 37 2.07 7.14 3.22
C ALA A 37 2.86 6.30 4.22
N THR A 38 2.83 4.98 4.02
CA THR A 38 3.54 4.06 4.91
C THR A 38 4.20 2.94 4.13
N THR A 39 5.22 2.32 4.72
CA THR A 39 5.94 1.23 4.07
C THR A 39 5.36 -0.12 4.49
N ALA A 40 5.57 -1.12 3.64
CA ALA A 40 5.07 -2.47 3.91
C ALA A 40 5.46 -2.92 5.32
N HIS A 41 6.71 -2.63 5.70
CA HIS A 41 7.20 -3.01 7.02
C HIS A 41 6.28 -2.49 8.12
N ASP A 42 5.53 -1.44 7.81
CA ASP A 42 4.61 -0.85 8.77
C ASP A 42 3.19 -1.34 8.54
N LEU A 43 3.05 -2.37 7.70
CA LEU A 43 1.74 -2.93 7.39
C LEU A 43 1.78 -4.45 7.47
N SER A 44 2.92 -4.99 7.86
CA SER A 44 3.08 -6.44 7.97
C SER A 44 3.13 -6.87 9.44
N GLY A 45 3.51 -5.95 10.31
CA GLY A 45 3.59 -6.25 11.72
C GLY A 45 2.37 -5.75 12.49
N LYS A 46 1.66 -4.79 11.90
CA LYS A 46 0.48 -4.22 12.54
C LYS A 46 -0.77 -5.01 12.15
N LEU A 47 -0.79 -5.51 10.92
CA LEU A 47 -1.92 -6.28 10.43
C LEU A 47 -1.66 -7.77 10.58
N GLY A 48 -0.69 -8.12 11.39
CA GLY A 48 -0.36 -9.53 11.61
C GLY A 48 -0.35 -10.32 10.31
N THR A 49 0.28 -9.76 9.29
CA THR A 49 0.35 -10.42 7.99
C THR A 49 1.81 -10.64 7.57
N PRO A 50 2.06 -11.79 6.93
CA PRO A 50 3.41 -12.15 6.45
C PRO A 50 3.86 -11.28 5.29
N LYS A 51 5.09 -10.79 5.35
CA LYS A 51 5.65 -9.95 4.30
C LYS A 51 5.43 -10.59 2.93
N LYS A 52 5.61 -11.90 2.86
CA LYS A 52 5.43 -12.64 1.60
C LYS A 52 4.03 -12.42 1.05
N GLU A 53 3.14 -11.88 1.87
CA GLU A 53 1.77 -11.63 1.45
C GLU A 53 1.54 -10.14 1.21
N ILE A 54 2.44 -9.32 1.75
CA ILE A 54 2.33 -7.87 1.59
C ILE A 54 3.18 -7.39 0.41
N ASN A 55 4.18 -8.18 0.05
CA ASN A 55 5.06 -7.84 -1.06
C ASN A 55 4.48 -8.33 -2.39
N ARG A 56 3.67 -9.39 -2.32
CA ARG A 56 3.06 -9.96 -3.51
C ARG A 56 1.80 -9.18 -3.89
N VAL A 57 1.27 -8.43 -2.94
CA VAL A 57 0.06 -7.64 -3.18
C VAL A 57 0.40 -6.19 -3.49
N LEU A 58 1.59 -5.77 -3.06
CA LEU A 58 2.04 -4.40 -3.29
C LEU A 58 2.48 -4.21 -4.75
N TYR A 59 2.91 -5.30 -5.38
CA TYR A 59 3.35 -5.26 -6.77
C TYR A 59 2.22 -5.65 -7.71
N SER A 60 1.07 -5.97 -7.14
CA SER A 60 -0.09 -6.37 -7.93
C SER A 60 -1.16 -5.28 -7.92
N LEU A 61 -1.08 -4.40 -6.92
CA LEU A 61 -2.05 -3.31 -6.80
C LEU A 61 -1.54 -2.04 -7.49
N ALA A 62 -0.24 -1.80 -7.37
CA ALA A 62 0.37 -0.63 -7.99
C ALA A 62 0.34 -0.74 -9.51
N LYS A 63 0.37 -1.96 -10.01
CA LYS A 63 0.35 -2.21 -11.45
C LYS A 63 -1.04 -1.98 -12.02
N LYS A 64 -2.06 -2.18 -11.19
CA LYS A 64 -3.44 -1.98 -11.61
C LYS A 64 -3.85 -0.52 -11.50
N GLY A 65 -3.05 0.26 -10.79
CA GLY A 65 -3.33 1.67 -10.62
C GLY A 65 -4.18 1.94 -9.39
N LYS A 66 -4.12 1.04 -8.43
CA LYS A 66 -4.88 1.18 -7.19
C LYS A 66 -3.97 1.55 -6.03
N LEU A 67 -2.86 2.19 -6.34
CA LEU A 67 -1.89 2.62 -5.32
C LEU A 67 -0.70 3.31 -5.95
N GLN A 68 -0.37 4.48 -5.42
CA GLN A 68 0.77 5.26 -5.93
C GLN A 68 2.08 4.53 -5.67
N LYS A 69 3.15 5.05 -6.26
CA LYS A 69 4.48 4.44 -6.11
C LYS A 69 5.55 5.52 -6.02
N GLU A 70 5.78 6.03 -4.82
CA GLU A 70 6.79 7.06 -4.60
C GLU A 70 8.06 6.74 -5.36
N ALA A 71 9.00 7.69 -5.36
CA ALA A 71 10.27 7.50 -6.05
C ALA A 71 11.03 6.30 -5.51
N GLY A 72 10.74 5.13 -6.07
CA GLY A 72 11.40 3.91 -5.62
C GLY A 72 10.42 2.88 -5.08
N THR A 73 10.85 1.63 -5.04
CA THR A 73 9.99 0.55 -4.55
C THR A 73 9.74 0.69 -3.06
N PRO A 74 10.80 0.53 -2.26
CA PRO A 74 10.71 0.63 -0.80
C PRO A 74 10.45 2.07 -0.32
N ALA A 75 10.35 2.99 -1.29
CA ALA A 75 10.10 4.39 -0.98
C ALA A 75 8.93 4.54 -0.02
N LEU A 76 7.74 4.16 -0.48
CA LEU A 76 6.54 4.25 0.34
C LEU A 76 5.32 3.75 -0.43
N TRP A 77 4.13 4.06 0.09
CA TRP A 77 2.89 3.64 -0.54
C TRP A 77 1.72 4.49 -0.07
N LYS A 78 0.90 4.94 -1.01
CA LYS A 78 -0.25 5.77 -0.69
C LYS A 78 -1.33 5.64 -1.77
N ILE A 79 -2.57 5.84 -1.38
CA ILE A 79 -3.70 5.75 -2.30
C ILE A 79 -3.38 6.45 -3.62
N ALA A 80 -4.08 6.06 -4.68
CA ALA A 80 -3.87 6.65 -5.99
C ALA A 80 -3.46 8.11 -5.88
N VAL A 81 -4.40 8.96 -5.49
CA VAL A 81 -4.14 10.39 -5.34
C VAL A 81 -2.90 10.63 -4.48
N SER A 82 -2.07 11.57 -4.89
CA SER A 82 -0.85 11.90 -4.17
C SER A 82 -0.23 13.19 -4.69
N THR A 83 0.52 13.86 -3.83
CA THR A 83 1.17 15.12 -4.20
C THR A 83 2.56 14.87 -4.79
N GLN A 84 3.29 15.95 -5.04
CA GLN A 84 4.64 15.84 -5.60
C GLN A 84 5.51 14.93 -4.75
N GLU A 22 -6.66 -9.02 -0.59
CA GLU A 22 -7.01 -7.97 -1.53
C GLU A 22 -8.14 -7.11 -0.98
N GLN A 23 -9.03 -7.71 -0.20
CA GLN A 23 -10.14 -7.00 0.39
C GLN A 23 -9.75 -6.34 1.71
N ARG A 24 -8.75 -6.92 2.38
CA ARG A 24 -8.28 -6.39 3.64
C ARG A 24 -7.27 -5.26 3.42
N ILE A 25 -6.68 -5.24 2.23
CA ILE A 25 -5.70 -4.20 1.88
C ILE A 25 -6.38 -2.97 1.31
N LEU A 26 -7.43 -3.19 0.53
CA LEU A 26 -8.18 -2.09 -0.08
C LEU A 26 -9.12 -1.45 0.93
N LYS A 27 -9.33 -2.12 2.05
CA LYS A 27 -10.20 -1.61 3.10
C LYS A 27 -9.40 -0.92 4.19
N PHE A 28 -8.08 -1.05 4.13
CA PHE A 28 -7.19 -0.44 5.10
C PHE A 28 -6.46 0.75 4.51
N LEU A 29 -6.17 0.68 3.21
CA LEU A 29 -5.47 1.76 2.52
C LEU A 29 -6.44 2.90 2.19
N GLU A 30 -7.72 2.58 2.11
CA GLU A 30 -8.74 3.57 1.81
C GLU A 30 -9.21 4.28 3.07
N GLU A 31 -8.96 3.66 4.22
CA GLU A 31 -9.37 4.22 5.50
C GLU A 31 -8.22 5.00 6.14
N LEU A 32 -7.01 4.74 5.67
CA LEU A 32 -5.82 5.42 6.19
C LEU A 32 -6.05 6.93 6.28
N GLY A 33 -6.21 7.57 5.11
CA GLY A 33 -6.44 9.00 5.09
C GLY A 33 -5.94 9.64 3.80
N GLU A 34 -6.70 9.48 2.73
CA GLU A 34 -6.32 10.05 1.44
C GLU A 34 -5.25 11.12 1.61
N GLY A 35 -4.01 10.76 1.34
CA GLY A 35 -2.92 11.70 1.46
C GLY A 35 -1.90 11.29 2.52
N LYS A 36 -2.00 10.04 2.96
CA LYS A 36 -1.09 9.52 3.97
C LYS A 36 -0.36 8.29 3.46
N ALA A 37 0.96 8.26 3.64
CA ALA A 37 1.78 7.14 3.20
C ALA A 37 1.98 6.13 4.32
N THR A 38 2.49 4.95 3.97
CA THR A 38 2.73 3.89 4.95
C THR A 38 3.52 2.75 4.34
N THR A 39 4.71 2.50 4.88
CA THR A 39 5.57 1.43 4.40
C THR A 39 4.93 0.07 4.60
N ALA A 40 5.34 -0.91 3.79
CA ALA A 40 4.81 -2.26 3.88
C ALA A 40 5.03 -2.85 5.27
N HIS A 41 6.23 -2.64 5.81
CA HIS A 41 6.58 -3.15 7.13
C HIS A 41 5.60 -2.67 8.18
N ASP A 42 5.01 -1.50 7.94
CA ASP A 42 4.05 -0.91 8.86
C ASP A 42 2.68 -1.58 8.72
N LEU A 43 2.46 -2.21 7.57
CA LEU A 43 1.20 -2.88 7.28
C LEU A 43 1.29 -4.37 7.64
N SER A 44 2.52 -4.88 7.74
CA SER A 44 2.74 -6.28 8.06
C SER A 44 2.94 -6.47 9.56
N GLY A 45 3.23 -5.37 10.25
CA GLY A 45 3.44 -5.44 11.69
C GLY A 45 2.25 -4.93 12.47
N LYS A 46 1.30 -4.31 11.77
CA LYS A 46 0.10 -3.79 12.40
C LYS A 46 -1.04 -4.80 12.35
N LEU A 47 -1.12 -5.54 11.26
CA LEU A 47 -2.16 -6.55 11.08
C LEU A 47 -1.57 -7.95 11.12
N GLY A 48 -0.24 -8.02 11.19
CA GLY A 48 0.42 -9.32 11.24
C GLY A 48 0.70 -9.88 9.86
N THR A 49 -0.15 -9.54 8.90
CA THR A 49 0.01 -10.02 7.53
C THR A 49 1.48 -10.26 7.21
N PRO A 50 1.76 -11.45 6.64
CA PRO A 50 3.12 -11.83 6.28
C PRO A 50 3.66 -11.03 5.09
N LYS A 51 4.89 -10.56 5.21
CA LYS A 51 5.52 -9.79 4.15
C LYS A 51 5.35 -10.46 2.80
N LYS A 52 5.44 -11.79 2.78
CA LYS A 52 5.29 -12.55 1.56
C LYS A 52 3.95 -12.29 0.91
N GLU A 53 3.04 -11.68 1.67
CA GLU A 53 1.70 -11.37 1.16
C GLU A 53 1.58 -9.87 0.84
N ILE A 54 2.43 -9.07 1.47
CA ILE A 54 2.41 -7.63 1.24
C ILE A 54 3.33 -7.25 0.08
N ASN A 55 4.30 -8.10 -0.21
CA ASN A 55 5.24 -7.86 -1.30
C ASN A 55 4.67 -8.36 -2.63
N ARG A 56 3.81 -9.36 -2.55
CA ARG A 56 3.20 -9.93 -3.75
C ARG A 56 1.97 -9.12 -4.18
N VAL A 57 1.42 -8.36 -3.24
CA VAL A 57 0.25 -7.53 -3.52
C VAL A 57 0.66 -6.12 -3.93
N LEU A 58 1.84 -5.70 -3.49
CA LEU A 58 2.35 -4.38 -3.81
C LEU A 58 2.65 -4.25 -5.29
N TYR A 59 3.07 -5.35 -5.90
CA TYR A 59 3.38 -5.36 -7.33
C TYR A 59 2.17 -5.77 -8.16
N SER A 60 1.04 -5.95 -7.48
CA SER A 60 -0.20 -6.35 -8.15
C SER A 60 -1.27 -5.27 -7.98
N LEU A 61 -1.03 -4.34 -7.08
CA LEU A 61 -1.97 -3.26 -6.82
C LEU A 61 -1.51 -1.96 -7.48
N ALA A 62 -0.20 -1.78 -7.56
CA ALA A 62 0.38 -0.59 -8.17
C ALA A 62 0.23 -0.62 -9.69
N LYS A 63 0.22 -1.82 -10.26
CA LYS A 63 0.07 -1.98 -11.70
C LYS A 63 -1.38 -1.79 -12.13
N LYS A 64 -2.30 -2.03 -11.20
CA LYS A 64 -3.73 -1.89 -11.48
C LYS A 64 -4.17 -0.45 -11.29
N GLY A 65 -3.31 0.36 -10.69
CA GLY A 65 -3.64 1.76 -10.46
C GLY A 65 -4.43 1.96 -9.19
N LYS A 66 -4.17 1.14 -8.18
CA LYS A 66 -4.87 1.23 -6.92
C LYS A 66 -3.90 1.57 -5.78
N LEU A 67 -2.74 2.10 -6.14
CA LEU A 67 -1.73 2.46 -5.16
C LEU A 67 -0.50 3.08 -5.83
N GLN A 68 -0.22 4.33 -5.50
CA GLN A 68 0.93 5.03 -6.08
C GLN A 68 2.23 4.29 -5.77
N LYS A 69 3.33 4.78 -6.34
CA LYS A 69 4.63 4.17 -6.13
C LYS A 69 5.73 5.23 -6.09
N GLU A 70 5.93 5.80 -4.90
CA GLU A 70 6.96 6.83 -4.72
C GLU A 70 8.27 6.42 -5.38
N ALA A 71 9.23 7.33 -5.38
CA ALA A 71 10.54 7.06 -5.98
C ALA A 71 11.18 5.83 -5.36
N GLY A 72 10.92 4.66 -5.95
CA GLY A 72 11.48 3.43 -5.44
C GLY A 72 10.43 2.52 -4.81
N THR A 73 10.78 1.26 -4.63
CA THR A 73 9.86 0.30 -4.04
C THR A 73 9.66 0.57 -2.55
N PRO A 74 10.77 0.50 -1.79
CA PRO A 74 10.75 0.73 -0.34
C PRO A 74 10.48 2.19 0.01
N ALA A 75 10.39 3.03 -1.02
CA ALA A 75 10.13 4.46 -0.82
C ALA A 75 8.93 4.67 0.08
N LEU A 76 7.76 4.24 -0.37
CA LEU A 76 6.53 4.40 0.40
C LEU A 76 5.34 3.86 -0.37
N TRP A 77 4.13 4.21 0.09
CA TRP A 77 2.91 3.76 -0.57
C TRP A 77 1.72 4.59 -0.10
N LYS A 78 0.99 5.16 -1.05
CA LYS A 78 -0.18 5.97 -0.74
C LYS A 78 -1.24 5.84 -1.83
N ILE A 79 -2.50 5.87 -1.42
CA ILE A 79 -3.61 5.76 -2.36
C ILE A 79 -3.30 6.49 -3.66
N ALA A 80 -3.92 6.03 -4.75
CA ALA A 80 -3.72 6.65 -6.05
C ALA A 80 -3.07 8.02 -5.92
N VAL A 81 -3.87 9.00 -5.53
CA VAL A 81 -3.37 10.36 -5.37
C VAL A 81 -4.20 11.14 -4.35
N SER A 82 -3.58 12.15 -3.73
CA SER A 82 -4.27 12.95 -2.74
C SER A 82 -3.38 14.11 -2.27
N THR A 83 -2.58 14.63 -3.20
CA THR A 83 -1.68 15.74 -2.88
C THR A 83 -1.24 16.45 -4.16
N GLN A 84 -0.37 17.44 -4.00
CA GLN A 84 0.13 18.21 -5.13
C GLN A 84 0.69 17.29 -6.21
N GLU A 22 -7.23 -8.87 -1.09
CA GLU A 22 -7.71 -7.83 -1.99
C GLU A 22 -8.82 -7.01 -1.34
N GLN A 23 -9.66 -7.68 -0.55
CA GLN A 23 -10.76 -7.01 0.13
C GLN A 23 -10.29 -6.37 1.43
N ARG A 24 -9.19 -6.88 1.97
CA ARG A 24 -8.64 -6.35 3.21
C ARG A 24 -7.62 -5.24 2.93
N ILE A 25 -7.08 -5.24 1.72
CA ILE A 25 -6.10 -4.23 1.33
C ILE A 25 -6.78 -2.98 0.79
N LEU A 26 -7.94 -3.17 0.17
CA LEU A 26 -8.70 -2.05 -0.38
C LEU A 26 -9.54 -1.37 0.69
N LYS A 27 -9.63 -2.01 1.85
CA LYS A 27 -10.40 -1.45 2.97
C LYS A 27 -9.48 -0.76 3.97
N PHE A 28 -8.19 -1.08 3.90
CA PHE A 28 -7.21 -0.48 4.81
C PHE A 28 -6.53 0.71 4.15
N LEU A 29 -6.41 0.68 2.83
CA LEU A 29 -5.78 1.76 2.09
C LEU A 29 -6.75 2.91 1.88
N GLU A 30 -8.03 2.65 2.07
CA GLU A 30 -9.07 3.66 1.90
C GLU A 30 -9.45 4.28 3.25
N GLU A 31 -9.13 3.56 4.33
CA GLU A 31 -9.44 4.03 5.67
C GLU A 31 -8.25 4.76 6.28
N LEU A 32 -7.05 4.46 5.78
CA LEU A 32 -5.84 5.10 6.28
C LEU A 32 -6.04 6.59 6.49
N GLY A 33 -6.10 7.34 5.38
CA GLY A 33 -6.30 8.76 5.47
C GLY A 33 -5.84 9.49 4.22
N GLU A 34 -6.50 9.21 3.10
CA GLU A 34 -6.16 9.85 1.83
C GLU A 34 -5.08 10.91 2.03
N GLY A 35 -3.82 10.47 2.10
CA GLY A 35 -2.72 11.40 2.29
C GLY A 35 -1.81 10.99 3.42
N LYS A 36 -1.73 9.69 3.68
CA LYS A 36 -0.89 9.17 4.75
C LYS A 36 -0.08 7.96 4.28
N ALA A 37 1.02 8.23 3.59
CA ALA A 37 1.89 7.17 3.08
C ALA A 37 2.29 6.21 4.20
N THR A 38 2.65 4.99 3.82
CA THR A 38 3.05 3.97 4.79
C THR A 38 3.81 2.84 4.12
N THR A 39 4.99 2.53 4.64
CA THR A 39 5.81 1.46 4.08
C THR A 39 5.20 0.09 4.36
N ALA A 40 5.45 -0.86 3.47
CA ALA A 40 4.93 -2.22 3.63
C ALA A 40 5.19 -2.75 5.03
N HIS A 41 6.40 -2.52 5.53
CA HIS A 41 6.78 -2.98 6.86
C HIS A 41 5.81 -2.44 7.91
N ASP A 42 5.16 -1.33 7.59
CA ASP A 42 4.21 -0.71 8.51
C ASP A 42 2.84 -1.38 8.40
N LEU A 43 2.63 -2.12 7.33
CA LEU A 43 1.36 -2.81 7.11
C LEU A 43 1.50 -4.30 7.37
N SER A 44 2.73 -4.73 7.64
CA SER A 44 3.01 -6.14 7.91
C SER A 44 3.11 -6.41 9.41
N GLY A 45 3.37 -5.34 10.17
CA GLY A 45 3.50 -5.48 11.61
C GLY A 45 2.25 -5.01 12.34
N LYS A 46 1.38 -4.28 11.64
CA LYS A 46 0.15 -3.78 12.23
C LYS A 46 -1.01 -4.72 11.94
N LEU A 47 -0.97 -5.36 10.77
CA LEU A 47 -2.03 -6.29 10.37
C LEU A 47 -1.60 -7.74 10.60
N GLY A 48 -0.54 -7.91 11.39
CA GLY A 48 -0.05 -9.25 11.68
C GLY A 48 -0.02 -10.13 10.45
N THR A 49 0.52 -9.60 9.36
CA THR A 49 0.61 -10.35 8.10
C THR A 49 2.06 -10.48 7.65
N PRO A 50 2.38 -11.63 7.03
CA PRO A 50 3.74 -11.91 6.53
C PRO A 50 4.09 -11.05 5.33
N LYS A 51 5.30 -10.50 5.33
CA LYS A 51 5.77 -9.65 4.24
C LYS A 51 5.54 -10.33 2.89
N LYS A 52 5.78 -11.64 2.85
CA LYS A 52 5.59 -12.40 1.62
C LYS A 52 4.16 -12.29 1.11
N GLU A 53 3.27 -11.79 1.97
CA GLU A 53 1.86 -11.62 1.61
C GLU A 53 1.55 -10.16 1.32
N ILE A 54 2.46 -9.27 1.74
CA ILE A 54 2.27 -7.84 1.53
C ILE A 54 3.07 -7.36 0.33
N ASN A 55 4.10 -8.11 -0.04
CA ASN A 55 4.95 -7.75 -1.16
C ASN A 55 4.38 -8.32 -2.47
N ARG A 56 3.69 -9.45 -2.36
CA ARG A 56 3.10 -10.10 -3.53
C ARG A 56 1.77 -9.43 -3.91
N VAL A 57 1.22 -8.67 -2.97
CA VAL A 57 -0.05 -7.98 -3.20
C VAL A 57 0.19 -6.53 -3.60
N LEU A 58 1.28 -5.94 -3.10
CA LEU A 58 1.62 -4.56 -3.41
C LEU A 58 1.95 -4.39 -4.89
N TYR A 59 2.62 -5.39 -5.45
CA TYR A 59 3.01 -5.36 -6.86
C TYR A 59 1.82 -5.72 -7.75
N SER A 60 0.71 -6.08 -7.13
CA SER A 60 -0.50 -6.44 -7.87
C SER A 60 -1.52 -5.31 -7.83
N LEU A 61 -1.29 -4.34 -6.95
CA LEU A 61 -2.19 -3.21 -6.80
C LEU A 61 -1.63 -1.98 -7.51
N ALA A 62 -0.32 -1.79 -7.40
CA ALA A 62 0.34 -0.65 -8.02
C ALA A 62 0.30 -0.77 -9.54
N LYS A 63 0.26 -1.99 -10.04
CA LYS A 63 0.23 -2.25 -11.48
C LYS A 63 -1.15 -1.94 -12.05
N LYS A 64 -2.18 -2.11 -11.23
CA LYS A 64 -3.55 -1.85 -11.65
C LYS A 64 -3.90 -0.37 -11.48
N GLY A 65 -2.98 0.38 -10.91
CA GLY A 65 -3.20 1.80 -10.70
C GLY A 65 -4.04 2.08 -9.46
N LYS A 66 -4.06 1.12 -8.54
CA LYS A 66 -4.82 1.27 -7.30
C LYS A 66 -3.90 1.58 -6.13
N LEU A 67 -2.79 2.24 -6.42
CA LEU A 67 -1.82 2.59 -5.38
C LEU A 67 -0.60 3.27 -5.99
N GLN A 68 -0.28 4.46 -5.50
CA GLN A 68 0.87 5.21 -5.99
C GLN A 68 2.17 4.54 -5.56
N LYS A 69 3.28 4.96 -6.18
CA LYS A 69 4.58 4.41 -5.86
C LYS A 69 5.67 5.47 -5.97
N GLU A 70 6.24 5.85 -4.83
CA GLU A 70 7.30 6.86 -4.80
C GLU A 70 8.57 6.35 -5.45
N ALA A 71 9.44 7.27 -5.84
CA ALA A 71 10.70 6.90 -6.48
C ALA A 71 11.47 5.88 -5.64
N GLY A 72 11.26 4.60 -5.94
CA GLY A 72 11.93 3.54 -5.21
C GLY A 72 10.96 2.60 -4.52
N THR A 73 11.30 1.32 -4.49
CA THR A 73 10.45 0.32 -3.86
C THR A 73 10.14 0.68 -2.42
N PRO A 74 11.17 0.68 -1.56
CA PRO A 74 11.04 1.01 -0.15
C PRO A 74 10.74 2.49 0.07
N ALA A 75 10.52 3.21 -1.01
CA ALA A 75 10.21 4.64 -0.94
C ALA A 75 8.98 4.90 -0.07
N LEU A 76 7.81 4.58 -0.61
CA LEU A 76 6.56 4.77 0.11
C LEU A 76 5.37 4.35 -0.73
N TRP A 77 4.19 4.36 -0.13
CA TRP A 77 2.97 3.97 -0.83
C TRP A 77 1.77 4.74 -0.29
N LYS A 78 0.89 5.16 -1.20
CA LYS A 78 -0.30 5.91 -0.82
C LYS A 78 -1.39 5.79 -1.89
N ILE A 79 -2.64 5.89 -1.46
CA ILE A 79 -3.76 5.79 -2.38
C ILE A 79 -3.48 6.54 -3.69
N ALA A 80 -4.13 6.11 -4.76
CA ALA A 80 -3.95 6.74 -6.06
C ALA A 80 -3.57 8.21 -5.92
N VAL A 81 -4.52 9.02 -5.43
CA VAL A 81 -4.28 10.44 -5.24
C VAL A 81 -5.48 11.11 -4.58
N SER A 82 -5.22 12.19 -3.85
CA SER A 82 -6.27 12.92 -3.16
C SER A 82 -5.73 14.20 -2.53
N THR A 83 -4.78 14.83 -3.21
CA THR A 83 -4.17 16.07 -2.72
C THR A 83 -3.19 16.64 -3.74
N GLN A 84 -2.58 17.76 -3.40
CA GLN A 84 -1.62 18.41 -4.28
C GLN A 84 -0.50 17.47 -4.65
N GLU A 22 -7.02 -8.96 -1.18
CA GLU A 22 -7.42 -7.85 -2.04
C GLU A 22 -8.49 -7.01 -1.36
N GLN A 23 -9.42 -7.66 -0.67
CA GLN A 23 -10.50 -6.97 0.03
C GLN A 23 -10.02 -6.43 1.37
N ARG A 24 -8.99 -7.06 1.93
CA ARG A 24 -8.45 -6.64 3.22
C ARG A 24 -7.43 -5.53 3.03
N ILE A 25 -6.91 -5.39 1.82
CA ILE A 25 -5.93 -4.36 1.51
C ILE A 25 -6.60 -3.10 0.98
N LEU A 26 -7.68 -3.28 0.24
CA LEU A 26 -8.42 -2.15 -0.32
C LEU A 26 -9.31 -1.50 0.73
N LYS A 27 -9.45 -2.17 1.88
CA LYS A 27 -10.27 -1.66 2.97
C LYS A 27 -9.41 -0.93 4.00
N PHE A 28 -8.11 -1.18 3.96
CA PHE A 28 -7.17 -0.54 4.89
C PHE A 28 -6.49 0.66 4.24
N LEU A 29 -6.30 0.59 2.92
CA LEU A 29 -5.66 1.66 2.20
C LEU A 29 -6.64 2.81 1.93
N GLU A 30 -7.93 2.53 2.11
CA GLU A 30 -8.97 3.53 1.89
C GLU A 30 -9.38 4.17 3.20
N GLU A 31 -9.10 3.48 4.31
CA GLU A 31 -9.45 3.98 5.63
C GLU A 31 -8.28 4.73 6.26
N LEU A 32 -7.08 4.44 5.77
CA LEU A 32 -5.87 5.08 6.28
C LEU A 32 -6.09 6.58 6.47
N GLY A 33 -6.15 7.30 5.36
CA GLY A 33 -6.36 8.74 5.42
C GLY A 33 -5.92 9.45 4.16
N GLU A 34 -6.57 9.13 3.04
CA GLU A 34 -6.22 9.74 1.76
C GLU A 34 -5.15 10.82 1.94
N GLY A 35 -3.90 10.39 2.00
CA GLY A 35 -2.80 11.33 2.17
C GLY A 35 -1.89 10.95 3.32
N LYS A 36 -1.79 9.66 3.59
CA LYS A 36 -0.94 9.18 4.68
C LYS A 36 -0.12 7.96 4.24
N ALA A 37 0.98 8.22 3.53
CA ALA A 37 1.84 7.16 3.05
C ALA A 37 2.25 6.22 4.19
N THR A 38 2.68 5.02 3.82
CA THR A 38 3.10 4.04 4.82
C THR A 38 3.85 2.88 4.16
N THR A 39 5.04 2.58 4.68
CA THR A 39 5.86 1.51 4.14
C THR A 39 5.21 0.16 4.37
N ALA A 40 5.57 -0.83 3.56
CA ALA A 40 5.03 -2.17 3.68
C ALA A 40 5.28 -2.75 5.07
N HIS A 41 6.50 -2.54 5.58
CA HIS A 41 6.86 -3.04 6.90
C HIS A 41 5.86 -2.57 7.95
N ASP A 42 5.29 -1.38 7.74
CA ASP A 42 4.32 -0.82 8.68
C ASP A 42 2.97 -1.52 8.53
N LEU A 43 2.70 -2.05 7.35
CA LEU A 43 1.45 -2.75 7.08
C LEU A 43 1.55 -4.22 7.46
N SER A 44 2.77 -4.70 7.64
CA SER A 44 3.01 -6.09 8.01
C SER A 44 2.95 -6.27 9.53
N GLY A 45 3.24 -5.19 10.25
CA GLY A 45 3.22 -5.25 11.71
C GLY A 45 1.92 -4.72 12.29
N LYS A 46 1.22 -3.90 11.51
CA LYS A 46 -0.04 -3.32 11.95
C LYS A 46 -1.22 -4.16 11.49
N LEU A 47 -0.93 -5.31 10.90
CA LEU A 47 -1.97 -6.20 10.41
C LEU A 47 -1.54 -7.66 10.54
N GLY A 48 -0.63 -7.93 11.47
CA GLY A 48 -0.16 -9.28 11.68
C GLY A 48 -0.14 -10.10 10.41
N THR A 49 0.49 -9.57 9.37
CA THR A 49 0.57 -10.26 8.09
C THR A 49 2.02 -10.39 7.63
N PRO A 50 2.34 -11.53 7.02
CA PRO A 50 3.70 -11.81 6.52
C PRO A 50 4.04 -10.96 5.30
N LYS A 51 5.24 -10.38 5.32
CA LYS A 51 5.70 -9.54 4.21
C LYS A 51 5.51 -10.25 2.87
N LYS A 52 5.78 -11.55 2.86
CA LYS A 52 5.62 -12.35 1.64
C LYS A 52 4.19 -12.26 1.11
N GLU A 53 3.29 -11.77 1.94
CA GLU A 53 1.89 -11.63 1.56
C GLU A 53 1.55 -10.17 1.24
N ILE A 54 2.39 -9.26 1.72
CA ILE A 54 2.18 -7.83 1.49
C ILE A 54 2.94 -7.36 0.26
N ASN A 55 4.01 -8.07 -0.07
CA ASN A 55 4.82 -7.72 -1.23
C ASN A 55 4.24 -8.27 -2.51
N ARG A 56 3.54 -9.41 -2.40
CA ARG A 56 2.92 -10.05 -3.55
C ARG A 56 1.59 -9.36 -3.90
N VAL A 57 1.03 -8.65 -2.94
CA VAL A 57 -0.23 -7.94 -3.14
C VAL A 57 0.01 -6.47 -3.49
N LEU A 58 1.17 -5.96 -3.08
CA LEU A 58 1.53 -4.58 -3.34
C LEU A 58 1.84 -4.36 -4.82
N TYR A 59 2.60 -5.28 -5.40
CA TYR A 59 2.96 -5.18 -6.81
C TYR A 59 1.79 -5.59 -7.71
N SER A 60 0.71 -6.02 -7.08
CA SER A 60 -0.49 -6.43 -7.82
C SER A 60 -1.55 -5.34 -7.80
N LEU A 61 -1.37 -4.37 -6.91
CA LEU A 61 -2.31 -3.26 -6.79
C LEU A 61 -1.74 -1.99 -7.43
N ALA A 62 -0.43 -1.82 -7.33
CA ALA A 62 0.23 -0.66 -7.90
C ALA A 62 0.25 -0.73 -9.42
N LYS A 63 0.25 -1.95 -9.95
CA LYS A 63 0.26 -2.15 -11.40
C LYS A 63 -1.12 -1.93 -11.99
N LYS A 64 -2.15 -2.12 -11.17
CA LYS A 64 -3.53 -1.95 -11.62
C LYS A 64 -3.95 -0.48 -11.51
N GLY A 65 -3.05 0.35 -11.00
CA GLY A 65 -3.34 1.76 -10.86
C GLY A 65 -4.18 2.06 -9.63
N LYS A 66 -4.17 1.14 -8.67
CA LYS A 66 -4.92 1.30 -7.44
C LYS A 66 -3.99 1.53 -6.25
N LEU A 67 -2.84 2.13 -6.52
CA LEU A 67 -1.86 2.41 -5.46
C LEU A 67 -0.61 3.07 -6.04
N GLN A 68 -0.30 4.27 -5.56
CA GLN A 68 0.86 5.00 -6.02
C GLN A 68 2.16 4.30 -5.59
N LYS A 69 3.27 4.74 -6.16
CA LYS A 69 4.57 4.16 -5.84
C LYS A 69 5.67 5.22 -5.87
N GLU A 70 5.92 5.83 -4.72
CA GLU A 70 6.95 6.86 -4.61
C GLU A 70 8.23 6.43 -5.30
N ALA A 71 9.09 7.39 -5.62
CA ALA A 71 10.36 7.10 -6.27
C ALA A 71 11.11 5.97 -5.56
N GLY A 72 10.94 4.76 -6.08
CA GLY A 72 11.60 3.60 -5.49
C GLY A 72 10.62 2.69 -4.77
N THR A 73 10.91 1.38 -4.83
CA THR A 73 10.05 0.40 -4.18
C THR A 73 9.87 0.70 -2.69
N PRO A 74 10.99 0.71 -1.96
CA PRO A 74 10.99 0.99 -0.52
C PRO A 74 10.67 2.44 -0.21
N ALA A 75 10.42 3.23 -1.25
CA ALA A 75 10.10 4.64 -1.10
C ALA A 75 8.90 4.82 -0.17
N LEU A 76 7.72 4.45 -0.66
CA LEU A 76 6.49 4.58 0.13
C LEU A 76 5.28 4.14 -0.69
N TRP A 77 4.11 4.19 -0.06
CA TRP A 77 2.87 3.80 -0.73
C TRP A 77 1.71 4.66 -0.24
N LYS A 78 0.86 5.07 -1.18
CA LYS A 78 -0.30 5.90 -0.85
C LYS A 78 -1.38 5.78 -1.93
N ILE A 79 -2.64 5.82 -1.51
CA ILE A 79 -3.75 5.72 -2.44
C ILE A 79 -3.47 6.49 -3.73
N ALA A 80 -4.11 6.07 -4.82
CA ALA A 80 -3.93 6.72 -6.11
C ALA A 80 -3.56 8.19 -5.93
N VAL A 81 -4.54 9.01 -5.54
CA VAL A 81 -4.31 10.43 -5.34
C VAL A 81 -3.96 11.12 -6.66
N SER A 82 -2.71 10.98 -7.09
CA SER A 82 -2.25 11.60 -8.33
C SER A 82 -0.92 11.02 -8.76
N THR A 83 -0.48 11.37 -9.97
CA THR A 83 0.78 10.89 -10.49
C THR A 83 1.95 11.78 -10.07
N GLN A 84 2.28 11.74 -8.78
CA GLN A 84 3.37 12.55 -8.25
C GLN A 84 4.12 11.80 -7.15
N GLU A 22 -6.99 -8.81 -0.86
CA GLU A 22 -7.42 -7.79 -1.81
C GLU A 22 -8.53 -6.92 -1.21
N GLN A 23 -9.43 -7.55 -0.48
CA GLN A 23 -10.54 -6.83 0.14
C GLN A 23 -10.11 -6.21 1.47
N ARG A 24 -9.08 -6.78 2.08
CA ARG A 24 -8.58 -6.28 3.35
C ARG A 24 -7.56 -5.16 3.14
N ILE A 25 -6.94 -5.15 1.96
CA ILE A 25 -5.95 -4.14 1.62
C ILE A 25 -6.61 -2.89 1.06
N LEU A 26 -7.69 -3.09 0.32
CA LEU A 26 -8.42 -1.98 -0.29
C LEU A 26 -9.33 -1.30 0.73
N LYS A 27 -9.53 -1.97 1.87
CA LYS A 27 -10.38 -1.42 2.92
C LYS A 27 -9.54 -0.73 3.99
N PHE A 28 -8.25 -1.03 4.01
CA PHE A 28 -7.33 -0.42 4.97
C PHE A 28 -6.61 0.78 4.36
N LEU A 29 -6.44 0.75 3.04
CA LEU A 29 -5.76 1.84 2.34
C LEU A 29 -6.72 2.98 2.05
N GLU A 30 -8.02 2.71 2.19
CA GLU A 30 -9.04 3.71 1.93
C GLU A 30 -9.53 4.33 3.24
N GLU A 31 -9.29 3.63 4.35
CA GLU A 31 -9.69 4.12 5.66
C GLU A 31 -8.54 4.83 6.36
N LEU A 32 -7.32 4.55 5.92
CA LEU A 32 -6.13 5.16 6.50
C LEU A 32 -6.31 6.66 6.65
N GLY A 33 -6.19 7.38 5.54
CA GLY A 33 -6.35 8.82 5.57
C GLY A 33 -5.87 9.48 4.29
N GLU A 34 -6.57 9.22 3.19
CA GLU A 34 -6.22 9.80 1.90
C GLU A 34 -5.10 10.83 2.06
N GLY A 35 -3.86 10.34 2.07
CA GLY A 35 -2.72 11.23 2.21
C GLY A 35 -1.83 10.86 3.39
N LYS A 36 -1.72 9.56 3.64
CA LYS A 36 -0.89 9.06 4.74
C LYS A 36 -0.03 7.88 4.28
N ALA A 37 1.05 8.18 3.54
CA ALA A 37 1.94 7.15 3.05
C ALA A 37 2.39 6.22 4.18
N THR A 38 2.72 4.99 3.83
CA THR A 38 3.16 4.01 4.81
C THR A 38 3.88 2.84 4.14
N THR A 39 5.07 2.51 4.65
CA THR A 39 5.86 1.42 4.10
C THR A 39 5.19 0.07 4.36
N ALA A 40 5.58 -0.93 3.58
CA ALA A 40 5.03 -2.27 3.73
C ALA A 40 5.29 -2.83 5.13
N HIS A 41 6.51 -2.63 5.62
CA HIS A 41 6.89 -3.11 6.94
C HIS A 41 5.91 -2.62 8.00
N ASP A 42 5.33 -1.45 7.76
CA ASP A 42 4.36 -0.87 8.69
C ASP A 42 3.00 -1.56 8.57
N LEU A 43 2.74 -2.11 7.40
CA LEU A 43 1.47 -2.80 7.16
C LEU A 43 1.56 -4.28 7.51
N SER A 44 2.79 -4.75 7.73
CA SER A 44 3.03 -6.14 8.09
C SER A 44 3.03 -6.32 9.61
N GLY A 45 3.27 -5.24 10.33
CA GLY A 45 3.30 -5.30 11.78
C GLY A 45 2.06 -4.69 12.40
N LYS A 46 1.25 -4.03 11.59
CA LYS A 46 0.02 -3.39 12.07
C LYS A 46 -1.20 -4.18 11.63
N LEU A 47 -0.97 -5.34 11.03
CA LEU A 47 -2.07 -6.19 10.55
C LEU A 47 -1.69 -7.66 10.64
N GLY A 48 -0.70 -7.97 11.50
CA GLY A 48 -0.27 -9.34 11.66
C GLY A 48 -0.29 -10.12 10.35
N THR A 49 0.35 -9.58 9.33
CA THR A 49 0.40 -10.22 8.03
C THR A 49 1.84 -10.48 7.58
N PRO A 50 2.06 -11.63 6.93
CA PRO A 50 3.38 -12.01 6.44
C PRO A 50 3.85 -11.15 5.27
N LYS A 51 5.06 -10.61 5.38
CA LYS A 51 5.62 -9.77 4.32
C LYS A 51 5.50 -10.45 2.96
N LYS A 52 5.64 -11.77 2.96
CA LYS A 52 5.55 -12.54 1.72
C LYS A 52 4.18 -12.38 1.07
N GLU A 53 3.24 -11.81 1.82
CA GLU A 53 1.89 -11.59 1.32
C GLU A 53 1.64 -10.12 1.03
N ILE A 54 2.45 -9.26 1.64
CA ILE A 54 2.32 -7.82 1.46
C ILE A 54 3.15 -7.35 0.26
N ASN A 55 4.20 -8.09 -0.05
CA ASN A 55 5.08 -7.74 -1.16
C ASN A 55 4.50 -8.25 -2.48
N ARG A 56 3.77 -9.35 -2.41
CA ARG A 56 3.17 -9.96 -3.60
C ARG A 56 1.88 -9.23 -3.98
N VAL A 57 1.34 -8.46 -3.03
CA VAL A 57 0.12 -7.71 -3.27
C VAL A 57 0.42 -6.24 -3.57
N LEU A 58 1.56 -5.77 -3.09
CA LEU A 58 1.96 -4.38 -3.31
C LEU A 58 2.46 -4.18 -4.73
N TYR A 59 2.93 -5.25 -5.36
CA TYR A 59 3.42 -5.19 -6.72
C TYR A 59 2.34 -5.61 -7.72
N SER A 60 1.17 -5.97 -7.19
CA SER A 60 0.06 -6.39 -8.03
C SER A 60 -1.03 -5.32 -8.06
N LEU A 61 -1.03 -4.46 -7.05
CA LEU A 61 -2.02 -3.39 -6.97
C LEU A 61 -1.51 -2.11 -7.64
N ALA A 62 -0.22 -1.83 -7.46
CA ALA A 62 0.39 -0.65 -8.07
C ALA A 62 0.40 -0.75 -9.58
N LYS A 63 0.45 -1.98 -10.08
CA LYS A 63 0.47 -2.22 -11.52
C LYS A 63 -0.90 -2.01 -12.13
N LYS A 64 -1.94 -2.24 -11.33
CA LYS A 64 -3.31 -2.07 -11.80
C LYS A 64 -3.74 -0.60 -11.71
N GLY A 65 -2.97 0.19 -10.97
CA GLY A 65 -3.28 1.59 -10.83
C GLY A 65 -4.15 1.88 -9.61
N LYS A 66 -4.11 0.97 -8.64
CA LYS A 66 -4.89 1.13 -7.43
C LYS A 66 -3.99 1.47 -6.24
N LEU A 67 -2.90 2.17 -6.51
CA LEU A 67 -1.97 2.56 -5.46
C LEU A 67 -0.74 3.23 -6.07
N GLN A 68 -0.38 4.39 -5.50
CA GLN A 68 0.79 5.14 -5.98
C GLN A 68 2.09 4.43 -5.60
N LYS A 69 3.19 4.88 -6.18
CA LYS A 69 4.50 4.30 -5.89
C LYS A 69 5.59 5.37 -5.89
N GLU A 70 5.90 5.87 -4.70
CA GLU A 70 6.93 6.90 -4.56
C GLU A 70 8.21 6.48 -5.26
N ALA A 71 9.07 7.46 -5.55
CA ALA A 71 10.34 7.19 -6.21
C ALA A 71 11.04 5.99 -5.59
N GLY A 72 10.82 4.82 -6.18
CA GLY A 72 11.43 3.60 -5.67
C GLY A 72 10.44 2.69 -5.00
N THR A 73 10.66 1.37 -5.12
CA THR A 73 9.76 0.39 -4.51
C THR A 73 9.62 0.64 -3.02
N PRO A 74 10.74 0.55 -2.29
CA PRO A 74 10.77 0.75 -0.84
C PRO A 74 10.50 2.21 -0.45
N ALA A 75 10.30 3.05 -1.46
CA ALA A 75 10.04 4.47 -1.22
C ALA A 75 8.87 4.66 -0.28
N LEU A 76 7.67 4.30 -0.74
CA LEU A 76 6.46 4.43 0.06
C LEU A 76 5.23 3.99 -0.73
N TRP A 77 4.06 4.09 -0.10
CA TRP A 77 2.82 3.71 -0.74
C TRP A 77 1.66 4.56 -0.24
N LYS A 78 0.82 5.00 -1.17
CA LYS A 78 -0.34 5.84 -0.81
C LYS A 78 -1.43 5.73 -1.88
N ILE A 79 -2.68 5.84 -1.44
CA ILE A 79 -3.80 5.76 -2.36
C ILE A 79 -3.52 6.52 -3.65
N ALA A 80 -4.21 6.12 -4.73
CA ALA A 80 -4.04 6.77 -6.02
C ALA A 80 -3.97 8.29 -5.88
N VAL A 81 -5.12 8.92 -5.76
CA VAL A 81 -5.18 10.37 -5.61
C VAL A 81 -4.10 11.06 -6.43
N SER A 82 -3.92 10.60 -7.67
CA SER A 82 -2.92 11.17 -8.56
C SER A 82 -3.20 10.80 -10.01
N THR A 83 -2.31 11.21 -10.90
CA THR A 83 -2.47 10.93 -12.33
C THR A 83 -1.43 9.93 -12.81
N GLN A 84 -0.21 10.04 -12.27
CA GLN A 84 0.87 9.14 -12.65
C GLN A 84 0.95 7.95 -11.70
N GLU A 22 -6.40 -8.99 -0.28
CA GLU A 22 -6.70 -8.02 -1.32
C GLU A 22 -7.86 -7.12 -0.91
N GLN A 23 -8.77 -7.66 -0.10
CA GLN A 23 -9.92 -6.90 0.37
C GLN A 23 -9.59 -6.16 1.67
N ARG A 24 -8.63 -6.69 2.41
CA ARG A 24 -8.22 -6.09 3.68
C ARG A 24 -7.20 -4.97 3.44
N ILE A 25 -6.55 -5.01 2.28
CA ILE A 25 -5.55 -4.02 1.93
C ILE A 25 -6.20 -2.80 1.27
N LEU A 26 -7.28 -3.04 0.54
CA LEU A 26 -7.99 -1.97 -0.15
C LEU A 26 -8.99 -1.29 0.78
N LYS A 27 -9.25 -1.92 1.92
CA LYS A 27 -10.17 -1.37 2.90
C LYS A 27 -9.43 -0.57 3.97
N PHE A 28 -8.14 -0.84 4.10
CA PHE A 28 -7.31 -0.15 5.09
C PHE A 28 -6.68 1.10 4.49
N LEU A 29 -6.29 1.01 3.23
CA LEU A 29 -5.67 2.14 2.53
C LEU A 29 -6.71 3.18 2.13
N GLU A 30 -7.97 2.78 2.18
CA GLU A 30 -9.07 3.68 1.83
C GLU A 30 -9.63 4.37 3.08
N GLU A 31 -9.29 3.84 4.24
CA GLU A 31 -9.75 4.41 5.50
C GLU A 31 -8.68 5.28 6.13
N LEU A 32 -7.41 4.98 5.82
CA LEU A 32 -6.30 5.74 6.37
C LEU A 32 -6.57 7.24 6.29
N GLY A 33 -6.59 7.78 5.08
CA GLY A 33 -6.84 9.19 4.89
C GLY A 33 -6.18 9.75 3.65
N GLU A 34 -6.89 9.69 2.53
CA GLU A 34 -6.37 10.19 1.26
C GLU A 34 -5.27 11.23 1.50
N GLY A 35 -4.11 11.00 0.89
CA GLY A 35 -3.01 11.93 1.04
C GLY A 35 -2.04 11.49 2.12
N LYS A 36 -2.25 10.30 2.66
CA LYS A 36 -1.39 9.77 3.71
C LYS A 36 -0.44 8.71 3.15
N ALA A 37 0.80 8.71 3.63
CA ALA A 37 1.80 7.76 3.19
C ALA A 37 1.87 6.56 4.13
N THR A 38 2.48 5.48 3.67
CA THR A 38 2.61 4.27 4.46
C THR A 38 3.86 3.48 4.06
N THR A 39 4.00 2.29 4.62
CA THR A 39 5.15 1.43 4.32
C THR A 39 4.81 -0.04 4.56
N ALA A 40 5.13 -0.87 3.56
CA ALA A 40 4.86 -2.30 3.67
C ALA A 40 5.24 -2.83 5.04
N HIS A 41 6.44 -2.48 5.50
CA HIS A 41 6.92 -2.93 6.80
C HIS A 41 5.94 -2.53 7.90
N ASP A 42 5.20 -1.46 7.67
CA ASP A 42 4.24 -0.97 8.65
C ASP A 42 2.90 -1.69 8.49
N LEU A 43 2.69 -2.30 7.32
CA LEU A 43 1.47 -3.02 7.04
C LEU A 43 1.61 -4.51 7.37
N SER A 44 2.85 -4.97 7.43
CA SER A 44 3.12 -6.38 7.73
C SER A 44 3.42 -6.57 9.22
N GLY A 45 3.57 -5.46 9.93
CA GLY A 45 3.86 -5.52 11.35
C GLY A 45 2.68 -5.07 12.20
N LYS A 46 1.71 -4.44 11.56
CA LYS A 46 0.52 -3.97 12.26
C LYS A 46 -0.60 -5.00 12.23
N LEU A 47 -0.75 -5.65 11.08
CA LEU A 47 -1.78 -6.68 10.91
C LEU A 47 -1.17 -8.08 10.98
N GLY A 48 0.16 -8.14 10.99
CA GLY A 48 0.84 -9.42 11.04
C GLY A 48 1.08 -10.02 9.68
N THR A 49 0.22 -9.67 8.72
CA THR A 49 0.34 -10.18 7.36
C THR A 49 1.81 -10.41 6.99
N PRO A 50 2.08 -11.56 6.37
CA PRO A 50 3.44 -11.93 5.95
C PRO A 50 3.93 -11.07 4.79
N LYS A 51 5.17 -10.60 4.89
CA LYS A 51 5.78 -9.78 3.86
C LYS A 51 5.60 -10.41 2.48
N LYS A 52 5.77 -11.72 2.42
CA LYS A 52 5.63 -12.45 1.17
C LYS A 52 4.23 -12.26 0.57
N GLU A 53 3.32 -11.74 1.39
CA GLU A 53 1.95 -11.49 0.95
C GLU A 53 1.73 -10.01 0.65
N ILE A 54 2.58 -9.16 1.23
CA ILE A 54 2.47 -7.73 1.03
C ILE A 54 3.34 -7.27 -0.14
N ASN A 55 4.36 -8.07 -0.46
CA ASN A 55 5.27 -7.74 -1.55
C ASN A 55 4.72 -8.25 -2.89
N ARG A 56 3.98 -9.35 -2.84
CA ARG A 56 3.39 -9.94 -4.04
C ARG A 56 2.12 -9.20 -4.43
N VAL A 57 1.45 -8.62 -3.45
CA VAL A 57 0.21 -7.88 -3.69
C VAL A 57 0.50 -6.43 -4.08
N LEU A 58 1.66 -5.93 -3.66
CA LEU A 58 2.06 -4.56 -3.97
C LEU A 58 2.25 -4.37 -5.47
N TYR A 59 2.65 -5.43 -6.15
CA TYR A 59 2.87 -5.38 -7.59
C TYR A 59 1.59 -5.76 -8.35
N SER A 60 0.54 -6.07 -7.60
CA SER A 60 -0.73 -6.45 -8.21
C SER A 60 -1.78 -5.37 -7.98
N LEU A 61 -1.47 -4.42 -7.08
CA LEU A 61 -2.39 -3.34 -6.78
C LEU A 61 -1.92 -2.04 -7.40
N ALA A 62 -0.60 -1.88 -7.53
CA ALA A 62 -0.03 -0.68 -8.11
C ALA A 62 -0.19 -0.68 -9.63
N LYS A 63 -0.20 -1.88 -10.22
CA LYS A 63 -0.35 -2.01 -11.66
C LYS A 63 -1.80 -1.80 -12.09
N LYS A 64 -2.72 -2.07 -11.17
CA LYS A 64 -4.15 -1.90 -11.45
C LYS A 64 -4.57 -0.45 -11.22
N GLY A 65 -3.66 0.34 -10.67
CA GLY A 65 -3.97 1.74 -10.40
C GLY A 65 -4.76 1.92 -9.12
N LYS A 66 -4.53 1.05 -8.15
CA LYS A 66 -5.24 1.12 -6.88
C LYS A 66 -4.27 1.45 -5.75
N LEU A 67 -3.11 1.97 -6.09
CA LEU A 67 -2.09 2.33 -5.11
C LEU A 67 -0.87 2.95 -5.78
N GLN A 68 -0.58 4.19 -5.43
CA GLN A 68 0.57 4.90 -6.01
C GLN A 68 1.88 4.16 -5.68
N LYS A 69 2.98 4.68 -6.20
CA LYS A 69 4.28 4.08 -5.97
C LYS A 69 5.39 5.13 -5.98
N GLU A 70 6.43 4.90 -5.21
CA GLU A 70 7.55 5.84 -5.13
C GLU A 70 8.81 5.24 -5.74
N ALA A 71 9.94 5.89 -5.54
CA ALA A 71 11.22 5.43 -6.07
C ALA A 71 11.94 4.55 -5.06
N GLY A 72 11.55 3.28 -4.98
CA GLY A 72 12.17 2.36 -4.06
C GLY A 72 11.17 1.65 -3.18
N THR A 73 11.56 0.50 -2.64
CA THR A 73 10.68 -0.29 -1.78
C THR A 73 10.31 0.49 -0.52
N PRO A 74 11.30 0.71 0.36
CA PRO A 74 11.09 1.43 1.61
C PRO A 74 10.84 2.92 1.38
N ALA A 75 10.40 3.26 0.18
CA ALA A 75 10.12 4.64 -0.17
C ALA A 75 8.85 5.14 0.52
N LEU A 76 7.70 4.67 0.03
CA LEU A 76 6.41 5.07 0.61
C LEU A 76 5.27 4.62 -0.29
N TRP A 77 4.04 4.82 0.18
CA TRP A 77 2.86 4.44 -0.57
C TRP A 77 1.65 5.26 -0.15
N LYS A 78 0.78 5.57 -1.10
CA LYS A 78 -0.43 6.36 -0.82
C LYS A 78 -1.50 6.10 -1.87
N ILE A 79 -2.75 6.03 -1.42
CA ILE A 79 -3.87 5.78 -2.32
C ILE A 79 -3.67 6.49 -3.66
N ALA A 80 -4.22 5.91 -4.72
CA ALA A 80 -4.10 6.47 -6.05
C ALA A 80 -3.51 7.88 -6.00
N VAL A 81 -4.35 8.86 -5.68
CA VAL A 81 -3.92 10.26 -5.59
C VAL A 81 -4.79 11.04 -4.64
N SER A 82 -4.24 12.11 -4.07
CA SER A 82 -4.98 12.96 -3.13
C SER A 82 -4.31 14.33 -3.01
N THR A 83 -3.76 14.82 -4.11
CA THR A 83 -3.10 16.11 -4.12
C THR A 83 -2.55 16.44 -5.52
N GLN A 84 -1.98 15.43 -6.16
CA GLN A 84 -1.42 15.61 -7.50
C GLN A 84 -0.26 16.61 -7.47
N GLU A 22 -7.20 -8.74 -1.02
CA GLU A 22 -7.63 -7.76 -2.00
C GLU A 22 -8.75 -6.89 -1.45
N GLN A 23 -9.57 -7.46 -0.58
CA GLN A 23 -10.68 -6.74 0.03
C GLN A 23 -10.29 -6.16 1.38
N ARG A 24 -9.18 -6.66 1.93
CA ARG A 24 -8.70 -6.20 3.23
C ARG A 24 -7.62 -5.14 3.05
N ILE A 25 -7.01 -5.11 1.87
CA ILE A 25 -5.96 -4.13 1.58
C ILE A 25 -6.55 -2.82 1.07
N LEU A 26 -7.66 -2.93 0.34
CA LEU A 26 -8.32 -1.75 -0.21
C LEU A 26 -9.18 -1.06 0.84
N LYS A 27 -9.44 -1.77 1.94
CA LYS A 27 -10.25 -1.24 3.03
C LYS A 27 -9.37 -0.64 4.11
N PHE A 28 -8.09 -1.02 4.12
CA PHE A 28 -7.14 -0.52 5.09
C PHE A 28 -6.40 0.71 4.56
N LEU A 29 -6.19 0.73 3.25
CA LEU A 29 -5.48 1.84 2.61
C LEU A 29 -6.42 3.03 2.40
N GLU A 30 -7.72 2.75 2.33
CA GLU A 30 -8.70 3.80 2.14
C GLU A 30 -9.05 4.48 3.46
N GLU A 31 -8.92 3.72 4.55
CA GLU A 31 -9.22 4.25 5.88
C GLU A 31 -8.06 5.10 6.39
N LEU A 32 -6.86 4.83 5.90
CA LEU A 32 -5.67 5.56 6.30
C LEU A 32 -5.95 7.07 6.30
N GLY A 33 -6.24 7.61 5.13
CA GLY A 33 -6.52 9.03 5.03
C GLY A 33 -5.94 9.64 3.76
N GLU A 34 -6.71 9.63 2.68
CA GLU A 34 -6.27 10.17 1.41
C GLU A 34 -5.17 11.22 1.63
N GLY A 35 -4.06 11.03 0.92
CA GLY A 35 -2.94 11.95 1.04
C GLY A 35 -1.92 11.50 2.08
N LYS A 36 -2.15 10.33 2.64
CA LYS A 36 -1.25 9.77 3.65
C LYS A 36 -0.39 8.66 3.06
N ALA A 37 0.86 8.59 3.48
CA ALA A 37 1.78 7.56 3.00
C ALA A 37 2.03 6.51 4.07
N THR A 38 2.58 5.37 3.65
CA THR A 38 2.87 4.27 4.57
C THR A 38 3.87 3.29 3.96
N THR A 39 4.52 2.52 4.82
CA THR A 39 5.51 1.54 4.37
C THR A 39 5.02 0.12 4.61
N ALA A 40 5.33 -0.78 3.69
CA ALA A 40 4.92 -2.17 3.81
C ALA A 40 5.32 -2.73 5.17
N HIS A 41 6.52 -2.40 5.63
CA HIS A 41 7.01 -2.87 6.92
C HIS A 41 6.10 -2.41 8.05
N ASP A 42 5.37 -1.32 7.82
CA ASP A 42 4.46 -0.77 8.82
C ASP A 42 3.05 -1.31 8.62
N LEU A 43 2.88 -2.17 7.62
CA LEU A 43 1.58 -2.76 7.32
C LEU A 43 1.64 -4.28 7.40
N SER A 44 2.85 -4.81 7.56
CA SER A 44 3.04 -6.26 7.65
C SER A 44 3.08 -6.72 9.10
N GLY A 45 3.45 -5.79 9.99
CA GLY A 45 3.53 -6.12 11.40
C GLY A 45 2.30 -5.67 12.17
N LYS A 46 1.57 -4.72 11.59
CA LYS A 46 0.36 -4.19 12.24
C LYS A 46 -0.86 -5.01 11.85
N LEU A 47 -0.81 -5.61 10.65
CA LEU A 47 -1.92 -6.42 10.16
C LEU A 47 -1.62 -7.90 10.30
N GLY A 48 -0.64 -8.22 11.15
CA GLY A 48 -0.26 -9.61 11.36
C GLY A 48 -0.18 -10.39 10.07
N THR A 49 0.41 -9.79 9.04
CA THR A 49 0.54 -10.44 7.74
C THR A 49 2.00 -10.57 7.34
N PRO A 50 2.34 -11.72 6.72
CA PRO A 50 3.70 -12.00 6.27
C PRO A 50 4.12 -11.12 5.10
N LYS A 51 5.34 -10.60 5.16
CA LYS A 51 5.86 -9.74 4.10
C LYS A 51 5.67 -10.39 2.73
N LYS A 52 5.89 -11.69 2.67
CA LYS A 52 5.73 -12.44 1.42
C LYS A 52 4.31 -12.32 0.89
N GLU A 53 3.42 -11.81 1.72
CA GLU A 53 2.02 -11.65 1.34
C GLU A 53 1.71 -10.19 1.03
N ILE A 54 2.55 -9.29 1.53
CA ILE A 54 2.36 -7.86 1.31
C ILE A 54 3.18 -7.38 0.11
N ASN A 55 4.26 -8.09 -0.19
CA ASN A 55 5.11 -7.74 -1.31
C ASN A 55 4.55 -8.28 -2.63
N ARG A 56 3.85 -9.41 -2.54
CA ARG A 56 3.26 -10.02 -3.71
C ARG A 56 1.95 -9.33 -4.10
N VAL A 57 1.38 -8.59 -3.15
CA VAL A 57 0.13 -7.87 -3.39
C VAL A 57 0.40 -6.41 -3.73
N LEU A 58 1.54 -5.90 -3.27
CA LEU A 58 1.90 -4.51 -3.54
C LEU A 58 2.31 -4.32 -5.00
N TYR A 59 2.87 -5.37 -5.59
CA TYR A 59 3.30 -5.31 -6.99
C TYR A 59 2.18 -5.76 -7.92
N SER A 60 1.03 -6.12 -7.34
CA SER A 60 -0.11 -6.57 -8.11
C SER A 60 -1.23 -5.53 -8.07
N LEU A 61 -1.18 -4.64 -7.08
CA LEU A 61 -2.18 -3.60 -6.94
C LEU A 61 -1.73 -2.30 -7.60
N ALA A 62 -0.43 -2.02 -7.50
CA ALA A 62 0.12 -0.81 -8.09
C ALA A 62 0.02 -0.84 -9.61
N LYS A 63 0.02 -2.04 -10.18
CA LYS A 63 -0.08 -2.21 -11.62
C LYS A 63 -1.52 -2.05 -12.08
N LYS A 64 -2.45 -2.26 -11.17
CA LYS A 64 -3.88 -2.13 -11.48
C LYS A 64 -4.35 -0.69 -11.34
N GLY A 65 -3.55 0.12 -10.65
CA GLY A 65 -3.90 1.52 -10.46
C GLY A 65 -4.67 1.75 -9.18
N LYS A 66 -4.42 0.90 -8.18
CA LYS A 66 -5.09 1.02 -6.89
C LYS A 66 -4.10 1.32 -5.78
N LEU A 67 -2.99 1.95 -6.15
CA LEU A 67 -1.96 2.30 -5.18
C LEU A 67 -0.76 2.93 -5.87
N GLN A 68 -0.37 4.12 -5.40
CA GLN A 68 0.77 4.83 -5.97
C GLN A 68 2.08 4.29 -5.41
N LYS A 69 3.19 4.67 -6.05
CA LYS A 69 4.51 4.23 -5.62
C LYS A 69 5.53 5.36 -5.74
N GLU A 70 6.20 5.65 -4.62
CA GLU A 70 7.20 6.72 -4.60
C GLU A 70 8.51 6.26 -5.23
N ALA A 71 9.52 7.11 -5.17
CA ALA A 71 10.83 6.78 -5.74
C ALA A 71 11.47 5.61 -5.00
N GLY A 72 11.20 4.40 -5.48
CA GLY A 72 11.76 3.22 -4.85
C GLY A 72 10.72 2.41 -4.12
N THR A 73 10.96 1.10 -4.01
CA THR A 73 10.02 0.20 -3.34
C THR A 73 9.83 0.61 -1.89
N PRO A 74 10.92 0.63 -1.12
CA PRO A 74 10.88 1.01 0.30
C PRO A 74 10.60 2.49 0.49
N ALA A 75 10.38 3.20 -0.61
CA ALA A 75 10.09 4.63 -0.55
C ALA A 75 8.85 4.91 0.28
N LEU A 76 7.69 4.54 -0.26
CA LEU A 76 6.43 4.75 0.44
C LEU A 76 5.25 4.28 -0.41
N TRP A 77 4.04 4.42 0.12
CA TRP A 77 2.84 4.01 -0.59
C TRP A 77 1.64 4.81 -0.13
N LYS A 78 0.90 5.37 -1.08
CA LYS A 78 -0.29 6.16 -0.78
C LYS A 78 -1.36 5.97 -1.84
N ILE A 79 -2.61 5.98 -1.41
CA ILE A 79 -3.74 5.81 -2.32
C ILE A 79 -3.46 6.49 -3.66
N ALA A 80 -4.07 5.95 -4.73
CA ALA A 80 -3.89 6.49 -6.06
C ALA A 80 -3.33 7.92 -5.99
N VAL A 81 -4.19 8.87 -5.65
CA VAL A 81 -3.79 10.27 -5.56
C VAL A 81 -4.91 11.12 -4.97
N SER A 82 -4.53 12.22 -4.33
CA SER A 82 -5.50 13.13 -3.72
C SER A 82 -4.98 14.56 -3.70
N THR A 83 -4.29 14.95 -4.78
CA THR A 83 -3.73 16.28 -4.88
C THR A 83 -3.06 16.49 -6.24
N GLN A 84 -2.55 17.70 -6.46
CA GLN A 84 -1.88 18.02 -7.71
C GLN A 84 -2.81 17.81 -8.90
N GLU A 22 -6.77 -9.06 -0.61
CA GLU A 22 -7.12 -8.01 -1.56
C GLU A 22 -8.32 -7.21 -1.08
N GLN A 23 -9.20 -7.88 -0.33
CA GLN A 23 -10.40 -7.24 0.19
C GLN A 23 -10.11 -6.52 1.51
N ARG A 24 -9.12 -7.03 2.24
CA ARG A 24 -8.74 -6.44 3.52
C ARG A 24 -7.74 -5.30 3.32
N ILE A 25 -7.03 -5.32 2.20
CA ILE A 25 -6.04 -4.30 1.89
C ILE A 25 -6.70 -3.08 1.26
N LEU A 26 -7.76 -3.31 0.49
CA LEU A 26 -8.48 -2.23 -0.17
C LEU A 26 -9.40 -1.52 0.81
N LYS A 27 -9.66 -2.15 1.95
CA LYS A 27 -10.51 -1.56 2.98
C LYS A 27 -9.68 -0.83 4.02
N PHE A 28 -8.38 -1.10 4.04
CA PHE A 28 -7.49 -0.46 4.99
C PHE A 28 -6.73 0.69 4.34
N LEU A 29 -6.54 0.61 3.03
CA LEU A 29 -5.84 1.64 2.29
C LEU A 29 -6.77 2.80 1.96
N GLU A 30 -8.07 2.57 2.10
CA GLU A 30 -9.07 3.59 1.81
C GLU A 30 -9.54 4.26 3.09
N GLU A 31 -9.03 3.80 4.22
CA GLU A 31 -9.40 4.36 5.51
C GLU A 31 -8.16 4.81 6.29
N LEU A 32 -7.04 4.91 5.59
CA LEU A 32 -5.79 5.34 6.21
C LEU A 32 -5.69 6.86 6.26
N GLY A 33 -6.34 7.52 5.30
CA GLY A 33 -6.31 8.97 5.24
C GLY A 33 -5.69 9.50 3.96
N GLU A 34 -6.45 9.46 2.88
CA GLU A 34 -5.97 9.94 1.59
C GLU A 34 -4.83 10.93 1.77
N GLY A 35 -3.68 10.63 1.16
CA GLY A 35 -2.53 11.51 1.26
C GLY A 35 -1.49 10.98 2.24
N LYS A 36 -1.83 9.92 2.94
CA LYS A 36 -0.92 9.31 3.91
C LYS A 36 0.31 8.73 3.21
N ALA A 37 1.02 7.86 3.92
CA ALA A 37 2.21 7.23 3.36
C ALA A 37 2.89 6.33 4.40
N THR A 38 2.82 5.03 4.19
CA THR A 38 3.42 4.07 5.10
C THR A 38 4.10 2.93 4.34
N THR A 39 5.20 2.42 4.90
CA THR A 39 5.93 1.34 4.27
C THR A 39 5.24 0.00 4.50
N ALA A 40 5.58 -0.99 3.67
CA ALA A 40 4.99 -2.32 3.79
C ALA A 40 5.27 -2.92 5.16
N HIS A 41 6.51 -2.77 5.63
CA HIS A 41 6.91 -3.31 6.93
C HIS A 41 5.97 -2.80 8.03
N ASP A 42 5.39 -1.63 7.81
CA ASP A 42 4.47 -1.03 8.78
C ASP A 42 3.07 -1.62 8.64
N LEU A 43 2.79 -2.21 7.49
CA LEU A 43 1.49 -2.82 7.23
C LEU A 43 1.52 -4.31 7.54
N SER A 44 2.71 -4.87 7.66
CA SER A 44 2.87 -6.30 7.95
C SER A 44 3.08 -6.51 9.45
N GLY A 45 3.44 -5.44 10.16
CA GLY A 45 3.66 -5.54 11.58
C GLY A 45 2.51 -4.98 12.39
N LYS A 46 1.63 -4.23 11.74
CA LYS A 46 0.48 -3.64 12.40
C LYS A 46 -0.71 -4.59 12.36
N LEU A 47 -0.90 -5.26 11.24
CA LEU A 47 -2.00 -6.20 11.07
C LEU A 47 -1.51 -7.64 11.20
N GLY A 48 -0.19 -7.80 11.23
CA GLY A 48 0.38 -9.13 11.36
C GLY A 48 0.61 -9.79 10.00
N THR A 49 -0.19 -9.40 9.02
CA THR A 49 -0.07 -9.96 7.68
C THR A 49 1.38 -10.26 7.33
N PRO A 50 1.62 -11.44 6.75
CA PRO A 50 2.96 -11.87 6.36
C PRO A 50 3.51 -11.08 5.18
N LYS A 51 4.77 -10.66 5.28
CA LYS A 51 5.41 -9.89 4.23
C LYS A 51 5.24 -10.58 2.87
N LYS A 52 5.27 -11.91 2.88
CA LYS A 52 5.12 -12.69 1.65
C LYS A 52 3.74 -12.50 1.05
N GLU A 53 2.88 -11.77 1.77
CA GLU A 53 1.52 -11.51 1.30
C GLU A 53 1.28 -10.02 1.10
N ILE A 54 2.26 -9.21 1.51
CA ILE A 54 2.17 -7.76 1.37
C ILE A 54 3.05 -7.26 0.24
N ASN A 55 4.09 -8.02 -0.08
CA ASN A 55 5.01 -7.66 -1.14
C ASN A 55 4.53 -8.18 -2.50
N ARG A 56 3.78 -9.28 -2.47
CA ARG A 56 3.25 -9.87 -3.68
C ARG A 56 1.98 -9.17 -4.12
N VAL A 57 1.37 -8.43 -3.20
CA VAL A 57 0.14 -7.71 -3.50
C VAL A 57 0.42 -6.24 -3.80
N LEU A 58 1.54 -5.74 -3.30
CA LEU A 58 1.93 -4.35 -3.51
C LEU A 58 2.42 -4.14 -4.95
N TYR A 59 2.97 -5.20 -5.54
CA TYR A 59 3.46 -5.14 -6.90
C TYR A 59 2.40 -5.56 -7.91
N SER A 60 1.23 -5.94 -7.38
CA SER A 60 0.12 -6.38 -8.23
C SER A 60 -0.99 -5.33 -8.25
N LEU A 61 -1.00 -4.47 -7.24
CA LEU A 61 -2.02 -3.42 -7.14
C LEU A 61 -1.52 -2.13 -7.77
N ALA A 62 -0.22 -1.84 -7.59
CA ALA A 62 0.38 -0.63 -8.15
C ALA A 62 0.38 -0.67 -9.67
N LYS A 63 0.40 -1.87 -10.23
CA LYS A 63 0.41 -2.05 -11.67
C LYS A 63 -0.99 -1.82 -12.25
N LYS A 64 -2.01 -2.06 -11.43
CA LYS A 64 -3.39 -1.88 -11.87
C LYS A 64 -3.83 -0.44 -11.69
N GLY A 65 -3.03 0.35 -10.97
CA GLY A 65 -3.34 1.74 -10.76
C GLY A 65 -4.23 1.96 -9.54
N LYS A 66 -4.08 1.08 -8.55
CA LYS A 66 -4.87 1.18 -7.33
C LYS A 66 -3.98 1.47 -6.12
N LEU A 67 -2.85 2.12 -6.37
CA LEU A 67 -1.92 2.47 -5.31
C LEU A 67 -0.70 3.19 -5.87
N GLN A 68 -0.37 4.34 -5.29
CA GLN A 68 0.77 5.12 -5.74
C GLN A 68 2.08 4.46 -5.33
N LYS A 69 3.18 4.89 -5.93
CA LYS A 69 4.49 4.34 -5.62
C LYS A 69 5.56 5.43 -5.66
N GLU A 70 5.95 5.93 -4.48
CA GLU A 70 6.96 6.97 -4.38
C GLU A 70 8.26 6.53 -5.05
N ALA A 71 9.09 7.51 -5.40
CA ALA A 71 10.36 7.23 -6.05
C ALA A 71 11.08 6.07 -5.38
N GLY A 72 10.90 4.87 -5.93
CA GLY A 72 11.54 3.69 -5.37
C GLY A 72 10.54 2.75 -4.71
N THR A 73 10.82 1.46 -4.79
CA THR A 73 9.93 0.45 -4.20
C THR A 73 9.72 0.72 -2.71
N PRO A 74 10.81 0.63 -1.93
CA PRO A 74 10.76 0.86 -0.48
C PRO A 74 10.50 2.32 -0.14
N ALA A 75 10.30 3.14 -1.16
CA ALA A 75 10.04 4.55 -0.96
C ALA A 75 8.86 4.77 -0.02
N LEU A 76 7.67 4.46 -0.50
CA LEU A 76 6.45 4.62 0.29
C LEU A 76 5.21 4.20 -0.50
N TRP A 77 4.07 4.18 0.16
CA TRP A 77 2.82 3.79 -0.48
C TRP A 77 1.67 4.69 -0.02
N LYS A 78 0.78 5.02 -0.95
CA LYS A 78 -0.36 5.87 -0.64
C LYS A 78 -1.44 5.74 -1.71
N ILE A 79 -2.70 5.75 -1.28
CA ILE A 79 -3.83 5.64 -2.20
C ILE A 79 -3.55 6.39 -3.50
N ALA A 80 -4.19 5.94 -4.58
CA ALA A 80 -4.02 6.57 -5.88
C ALA A 80 -3.60 8.03 -5.74
N VAL A 81 -4.60 8.90 -5.49
CA VAL A 81 -4.34 10.32 -5.34
C VAL A 81 -5.50 11.00 -4.62
N SER A 82 -6.00 10.36 -3.57
CA SER A 82 -7.10 10.91 -2.79
C SER A 82 -8.42 10.82 -3.58
N THR A 83 -8.51 11.61 -4.64
CA THR A 83 -9.71 11.63 -5.47
C THR A 83 -9.36 11.36 -6.93
N GLN A 84 -10.39 11.29 -7.77
CA GLN A 84 -10.19 11.03 -9.20
C GLN A 84 -9.16 11.99 -9.79
N GLU A 22 -6.77 -8.98 -0.72
CA GLU A 22 -7.03 -8.00 -1.76
C GLU A 22 -8.26 -7.15 -1.42
N GLN A 23 -9.15 -7.70 -0.60
CA GLN A 23 -10.35 -6.98 -0.20
C GLN A 23 -10.17 -6.34 1.17
N ARG A 24 -9.19 -6.82 1.92
CA ARG A 24 -8.92 -6.30 3.25
C ARG A 24 -7.84 -5.23 3.20
N ILE A 25 -7.09 -5.21 2.10
CA ILE A 25 -6.01 -4.24 1.93
C ILE A 25 -6.53 -2.96 1.28
N LEU A 26 -7.49 -3.10 0.38
CA LEU A 26 -8.09 -1.96 -0.31
C LEU A 26 -9.11 -1.26 0.57
N LYS A 27 -9.53 -1.94 1.63
CA LYS A 27 -10.51 -1.38 2.56
C LYS A 27 -9.82 -0.71 3.74
N PHE A 28 -8.57 -1.08 3.97
CA PHE A 28 -7.80 -0.51 5.07
C PHE A 28 -6.98 0.69 4.61
N LEU A 29 -6.55 0.65 3.34
CA LEU A 29 -5.76 1.74 2.77
C LEU A 29 -6.66 2.89 2.33
N GLU A 30 -7.96 2.63 2.22
CA GLU A 30 -8.92 3.65 1.82
C GLU A 30 -9.54 4.33 3.03
N GLU A 31 -9.34 3.73 4.21
CA GLU A 31 -9.87 4.28 5.45
C GLU A 31 -8.82 5.08 6.18
N LEU A 32 -7.55 4.82 5.87
CA LEU A 32 -6.44 5.53 6.50
C LEU A 32 -6.68 7.04 6.50
N GLY A 33 -6.60 7.63 5.32
CA GLY A 33 -6.81 9.07 5.20
C GLY A 33 -6.17 9.64 3.95
N GLU A 34 -6.78 9.41 2.80
CA GLU A 34 -6.27 9.91 1.54
C GLU A 34 -5.18 10.96 1.77
N GLY A 35 -3.92 10.54 1.65
CA GLY A 35 -2.81 11.44 1.85
C GLY A 35 -1.83 10.94 2.89
N LYS A 36 -1.89 9.65 3.19
CA LYS A 36 -1.01 9.03 4.18
C LYS A 36 -0.17 7.93 3.55
N ALA A 37 1.13 7.94 3.85
CA ALA A 37 2.04 6.92 3.32
C ALA A 37 2.73 6.16 4.45
N THR A 38 3.20 4.96 4.13
CA THR A 38 3.88 4.12 5.11
C THR A 38 4.61 2.96 4.44
N THR A 39 5.65 2.46 5.10
CA THR A 39 6.43 1.35 4.56
C THR A 39 5.71 0.03 4.74
N ALA A 40 6.06 -0.95 3.93
CA ALA A 40 5.44 -2.27 4.00
C ALA A 40 5.65 -2.90 5.37
N HIS A 41 6.85 -2.76 5.91
CA HIS A 41 7.18 -3.31 7.22
C HIS A 41 6.20 -2.82 8.28
N ASP A 42 5.64 -1.63 8.05
CA ASP A 42 4.68 -1.04 8.99
C ASP A 42 3.29 -1.63 8.76
N LEU A 43 3.05 -2.12 7.55
CA LEU A 43 1.75 -2.69 7.22
C LEU A 43 1.73 -4.19 7.48
N SER A 44 2.91 -4.77 7.64
CA SER A 44 3.03 -6.20 7.91
C SER A 44 3.12 -6.47 9.40
N GLY A 45 3.36 -5.42 10.18
CA GLY A 45 3.46 -5.56 11.62
C GLY A 45 2.23 -5.04 12.34
N LYS A 46 1.46 -4.20 11.67
CA LYS A 46 0.26 -3.62 12.25
C LYS A 46 -0.96 -4.45 11.88
N LEU A 47 -0.91 -5.09 10.71
CA LEU A 47 -2.02 -5.91 10.24
C LEU A 47 -1.73 -7.39 10.45
N GLY A 48 -0.71 -7.68 11.27
CA GLY A 48 -0.35 -9.06 11.55
C GLY A 48 -0.36 -9.92 10.30
N THR A 49 0.26 -9.43 9.23
CA THR A 49 0.32 -10.16 7.98
C THR A 49 1.76 -10.38 7.53
N PRO A 50 2.01 -11.53 6.90
CA PRO A 50 3.36 -11.89 6.42
C PRO A 50 3.79 -11.03 5.23
N LYS A 51 5.02 -10.55 5.28
CA LYS A 51 5.56 -9.72 4.20
C LYS A 51 5.31 -10.36 2.84
N LYS A 52 5.48 -11.68 2.77
CA LYS A 52 5.27 -12.41 1.54
C LYS A 52 3.85 -12.19 1.00
N GLU A 53 2.99 -11.64 1.85
CA GLU A 53 1.60 -11.38 1.46
C GLU A 53 1.38 -9.90 1.19
N ILE A 54 2.34 -9.08 1.62
CA ILE A 54 2.25 -7.63 1.42
C ILE A 54 3.11 -7.19 0.25
N ASN A 55 4.10 -8.01 -0.08
CA ASN A 55 5.01 -7.70 -1.19
C ASN A 55 4.45 -8.23 -2.51
N ARG A 56 3.65 -9.29 -2.43
CA ARG A 56 3.07 -9.89 -3.61
C ARG A 56 1.80 -9.16 -4.02
N VAL A 57 1.21 -8.43 -3.07
CA VAL A 57 -0.02 -7.68 -3.33
C VAL A 57 0.30 -6.22 -3.67
N LEU A 58 1.45 -5.75 -3.22
CA LEU A 58 1.88 -4.38 -3.47
C LEU A 58 2.31 -4.20 -4.92
N TYR A 59 2.81 -5.28 -5.52
CA TYR A 59 3.27 -5.24 -6.90
C TYR A 59 2.16 -5.67 -7.86
N SER A 60 0.99 -5.97 -7.30
CA SER A 60 -0.15 -6.41 -8.09
C SER A 60 -1.23 -5.34 -8.10
N LEU A 61 -1.18 -4.43 -7.14
CA LEU A 61 -2.15 -3.35 -7.04
C LEU A 61 -1.61 -2.07 -7.66
N ALA A 62 -0.30 -1.87 -7.56
CA ALA A 62 0.33 -0.68 -8.12
C ALA A 62 0.38 -0.75 -9.64
N LYS A 63 0.42 -1.96 -10.18
CA LYS A 63 0.45 -2.16 -11.63
C LYS A 63 -0.92 -1.97 -12.24
N LYS A 64 -1.96 -2.17 -11.43
CA LYS A 64 -3.33 -2.03 -11.89
C LYS A 64 -3.79 -0.57 -11.79
N GLY A 65 -2.97 0.25 -11.13
CA GLY A 65 -3.30 1.66 -10.98
C GLY A 65 -4.22 1.91 -9.81
N LYS A 66 -4.09 1.09 -8.77
CA LYS A 66 -4.91 1.23 -7.57
C LYS A 66 -4.06 1.53 -6.35
N LEU A 67 -2.89 2.12 -6.58
CA LEU A 67 -1.98 2.47 -5.49
C LEU A 67 -0.72 3.15 -6.04
N GLN A 68 -0.45 4.35 -5.54
CA GLN A 68 0.73 5.10 -5.97
C GLN A 68 2.01 4.34 -5.65
N LYS A 69 3.11 4.75 -6.28
CA LYS A 69 4.39 4.11 -6.07
C LYS A 69 5.52 5.14 -6.09
N GLU A 70 5.80 5.74 -4.94
CA GLU A 70 6.84 6.74 -4.82
C GLU A 70 8.09 6.31 -5.60
N ALA A 71 9.03 7.24 -5.76
CA ALA A 71 10.26 6.96 -6.49
C ALA A 71 11.06 5.86 -5.81
N GLY A 72 10.78 4.61 -6.17
CA GLY A 72 11.48 3.49 -5.58
C GLY A 72 10.55 2.53 -4.86
N THR A 73 10.92 1.26 -4.82
CA THR A 73 10.11 0.25 -4.16
C THR A 73 9.94 0.57 -2.68
N PRO A 74 11.04 0.52 -1.92
CA PRO A 74 11.04 0.81 -0.49
C PRO A 74 10.78 2.28 -0.19
N ALA A 75 10.49 3.05 -1.23
CA ALA A 75 10.22 4.47 -1.08
C ALA A 75 9.07 4.71 -0.11
N LEU A 76 7.88 4.26 -0.48
CA LEU A 76 6.70 4.42 0.37
C LEU A 76 5.48 3.77 -0.27
N TRP A 77 4.30 4.25 0.09
CA TRP A 77 3.06 3.72 -0.45
C TRP A 77 1.86 4.53 0.04
N LYS A 78 0.99 4.92 -0.89
CA LYS A 78 -0.20 5.70 -0.56
C LYS A 78 -1.25 5.57 -1.66
N ILE A 79 -2.52 5.56 -1.25
CA ILE A 79 -3.62 5.45 -2.19
C ILE A 79 -3.38 6.31 -3.42
N ALA A 80 -4.08 5.99 -4.51
CA ALA A 80 -3.96 6.74 -5.75
C ALA A 80 -3.47 8.15 -5.49
N VAL A 81 -2.32 8.49 -6.04
CA VAL A 81 -1.74 9.82 -5.87
C VAL A 81 -2.75 10.91 -6.24
N SER A 82 -2.56 12.10 -5.69
CA SER A 82 -3.45 13.22 -5.96
C SER A 82 -4.86 12.93 -5.46
N THR A 83 -5.21 13.49 -4.31
CA THR A 83 -6.53 13.28 -3.72
C THR A 83 -7.15 14.61 -3.27
N GLN A 84 -8.27 14.53 -2.58
CA GLN A 84 -8.96 15.72 -2.08
C GLN A 84 -8.01 16.59 -1.27
N GLU A 22 -6.22 -9.03 -0.29
CA GLU A 22 -6.44 -7.99 -1.28
C GLU A 22 -7.60 -7.09 -0.87
N GLN A 23 -8.60 -7.68 -0.23
CA GLN A 23 -9.79 -6.94 0.20
C GLN A 23 -9.54 -6.27 1.55
N ARG A 24 -8.64 -6.85 2.34
CA ARG A 24 -8.31 -6.30 3.65
C ARG A 24 -7.29 -5.19 3.53
N ILE A 25 -6.55 -5.18 2.43
CA ILE A 25 -5.54 -4.16 2.19
C ILE A 25 -6.13 -2.94 1.48
N LEU A 26 -7.08 -3.20 0.58
CA LEU A 26 -7.72 -2.12 -0.17
C LEU A 26 -8.77 -1.43 0.69
N LYS A 27 -9.14 -2.06 1.80
CA LYS A 27 -10.14 -1.50 2.70
C LYS A 27 -9.48 -0.70 3.81
N PHE A 28 -8.19 -0.95 4.04
CA PHE A 28 -7.44 -0.26 5.08
C PHE A 28 -6.71 0.95 4.50
N LEU A 29 -6.36 0.86 3.23
CA LEU A 29 -5.66 1.96 2.56
C LEU A 29 -6.64 3.00 2.04
N GLU A 30 -7.92 2.65 2.03
CA GLU A 30 -8.96 3.55 1.57
C GLU A 30 -9.67 4.22 2.74
N GLU A 31 -9.49 3.66 3.93
CA GLU A 31 -10.11 4.19 5.13
C GLU A 31 -9.13 5.05 5.92
N LEU A 32 -7.84 4.73 5.78
CA LEU A 32 -6.80 5.47 6.49
C LEU A 32 -6.97 6.98 6.30
N GLY A 33 -7.04 7.42 5.06
CA GLY A 33 -7.20 8.83 4.77
C GLY A 33 -6.32 9.30 3.63
N GLU A 34 -6.91 9.51 2.46
CA GLU A 34 -6.17 9.97 1.29
C GLU A 34 -5.01 10.88 1.71
N GLY A 35 -3.90 10.77 1.00
CA GLY A 35 -2.74 11.59 1.30
C GLY A 35 -1.81 10.93 2.30
N LYS A 36 -2.28 9.86 2.92
CA LYS A 36 -1.49 9.13 3.90
C LYS A 36 -0.20 8.59 3.29
N ALA A 37 0.44 7.66 3.98
CA ALA A 37 1.68 7.06 3.49
C ALA A 37 2.31 6.18 4.55
N THR A 38 2.58 4.92 4.19
CA THR A 38 3.19 3.97 5.11
C THR A 38 3.91 2.86 4.35
N THR A 39 5.05 2.42 4.90
CA THR A 39 5.82 1.36 4.28
C THR A 39 5.20 -0.01 4.54
N ALA A 40 5.48 -0.96 3.67
CA ALA A 40 4.95 -2.32 3.80
C ALA A 40 5.26 -2.88 5.19
N HIS A 41 6.50 -2.71 5.63
CA HIS A 41 6.92 -3.21 6.94
C HIS A 41 6.00 -2.69 8.04
N ASP A 42 5.39 -1.53 7.81
CA ASP A 42 4.49 -0.94 8.79
C ASP A 42 3.09 -1.54 8.67
N LEU A 43 2.83 -2.21 7.55
CA LEU A 43 1.54 -2.84 7.31
C LEU A 43 1.59 -4.33 7.61
N SER A 44 2.81 -4.86 7.71
CA SER A 44 3.00 -6.29 8.00
C SER A 44 3.27 -6.51 9.48
N GLY A 45 3.56 -5.43 10.19
CA GLY A 45 3.82 -5.53 11.62
C GLY A 45 2.67 -5.04 12.46
N LYS A 46 1.72 -4.34 11.83
CA LYS A 46 0.56 -3.82 12.54
C LYS A 46 -0.60 -4.81 12.47
N LEU A 47 -0.78 -5.45 11.32
CA LEU A 47 -1.85 -6.41 11.14
C LEU A 47 -1.31 -7.84 11.19
N GLY A 48 0.01 -7.96 11.22
CA GLY A 48 0.63 -9.28 11.27
C GLY A 48 0.85 -9.88 9.90
N THR A 49 0.01 -9.48 8.94
CA THR A 49 0.11 -9.99 7.59
C THR A 49 1.56 -10.26 7.20
N PRO A 50 1.80 -11.43 6.58
CA PRO A 50 3.14 -11.84 6.16
C PRO A 50 3.65 -11.00 4.99
N LYS A 51 4.92 -10.58 5.08
CA LYS A 51 5.53 -9.78 4.03
C LYS A 51 5.32 -10.41 2.67
N LYS A 52 5.45 -11.74 2.61
CA LYS A 52 5.26 -12.47 1.36
C LYS A 52 3.88 -12.21 0.76
N GLU A 53 3.00 -11.63 1.57
CA GLU A 53 1.64 -11.33 1.12
C GLU A 53 1.48 -9.83 0.86
N ILE A 54 2.35 -9.03 1.46
CA ILE A 54 2.30 -7.59 1.29
C ILE A 54 3.15 -7.14 0.09
N ASN A 55 4.13 -7.97 -0.26
CA ASN A 55 5.02 -7.67 -1.38
C ASN A 55 4.41 -8.15 -2.70
N ARG A 56 3.56 -9.16 -2.61
CA ARG A 56 2.90 -9.71 -3.80
C ARG A 56 1.67 -8.90 -4.16
N VAL A 57 1.15 -8.15 -3.19
CA VAL A 57 -0.03 -7.33 -3.40
C VAL A 57 0.35 -5.90 -3.76
N LEU A 58 1.57 -5.51 -3.41
CA LEU A 58 2.05 -4.17 -3.69
C LEU A 58 2.43 -4.02 -5.16
N TYR A 59 2.78 -5.14 -5.79
CA TYR A 59 3.16 -5.15 -7.20
C TYR A 59 1.99 -5.56 -8.07
N SER A 60 0.83 -5.78 -7.46
CA SER A 60 -0.37 -6.18 -8.19
C SER A 60 -1.46 -5.13 -8.06
N LEU A 61 -1.32 -4.25 -7.06
CA LEU A 61 -2.30 -3.20 -6.84
C LEU A 61 -1.83 -1.89 -7.47
N ALA A 62 -0.53 -1.72 -7.60
CA ALA A 62 0.04 -0.52 -8.20
C ALA A 62 -0.10 -0.55 -9.71
N LYS A 63 -0.02 -1.74 -10.29
CA LYS A 63 -0.13 -1.90 -11.74
C LYS A 63 -1.57 -1.65 -12.20
N LYS A 64 -2.53 -1.95 -11.32
CA LYS A 64 -3.93 -1.77 -11.64
C LYS A 64 -4.34 -0.30 -11.44
N GLY A 65 -3.38 0.53 -11.08
CA GLY A 65 -3.67 1.94 -10.86
C GLY A 65 -4.43 2.19 -9.57
N LYS A 66 -4.37 1.23 -8.66
CA LYS A 66 -5.07 1.35 -7.38
C LYS A 66 -4.07 1.48 -6.23
N LEU A 67 -2.97 2.18 -6.49
CA LEU A 67 -1.93 2.38 -5.48
C LEU A 67 -0.70 3.05 -6.08
N GLN A 68 -0.31 4.18 -5.49
CA GLN A 68 0.85 4.91 -5.96
C GLN A 68 2.14 4.14 -5.71
N LYS A 69 3.23 4.57 -6.33
CA LYS A 69 4.52 3.93 -6.17
C LYS A 69 5.66 4.94 -6.27
N GLU A 70 6.17 5.36 -5.12
CA GLU A 70 7.26 6.33 -5.09
C GLU A 70 8.47 5.81 -5.88
N ALA A 71 9.61 6.47 -5.69
CA ALA A 71 10.83 6.08 -6.39
C ALA A 71 11.57 4.98 -5.62
N GLY A 72 11.05 3.76 -5.71
CA GLY A 72 11.67 2.64 -5.03
C GLY A 72 10.68 1.90 -4.13
N THR A 73 11.05 0.67 -3.76
CA THR A 73 10.20 -0.15 -2.90
C THR A 73 10.10 0.44 -1.50
N PRO A 74 11.25 0.51 -0.80
CA PRO A 74 11.32 1.05 0.56
C PRO A 74 11.09 2.55 0.59
N ALA A 75 10.56 3.09 -0.49
CA ALA A 75 10.29 4.53 -0.58
C ALA A 75 9.05 4.90 0.22
N LEU A 76 7.89 4.45 -0.25
CA LEU A 76 6.63 4.74 0.43
C LEU A 76 5.44 4.30 -0.42
N TRP A 77 4.26 4.30 0.18
CA TRP A 77 3.04 3.90 -0.52
C TRP A 77 1.85 4.72 -0.05
N LYS A 78 0.95 5.04 -0.99
CA LYS A 78 -0.23 5.82 -0.67
C LYS A 78 -1.29 5.68 -1.76
N ILE A 79 -2.55 5.81 -1.39
CA ILE A 79 -3.65 5.69 -2.33
C ILE A 79 -3.34 6.45 -3.62
N ALA A 80 -4.02 6.06 -4.70
CA ALA A 80 -3.82 6.70 -5.99
C ALA A 80 -3.42 8.16 -5.83
N VAL A 81 -2.35 8.56 -6.52
CA VAL A 81 -1.87 9.93 -6.45
C VAL A 81 -2.97 10.93 -6.79
N SER A 82 -3.24 11.85 -5.87
CA SER A 82 -4.27 12.85 -6.08
C SER A 82 -3.77 13.98 -6.97
N THR A 83 -2.82 14.76 -6.44
CA THR A 83 -2.25 15.87 -7.19
C THR A 83 -0.75 15.69 -7.40
N GLN A 84 -0.09 15.14 -6.39
CA GLN A 84 1.36 14.91 -6.46
C GLN A 84 1.83 14.07 -5.27
N GLU A 22 -6.90 -9.03 -0.17
CA GLU A 22 -7.52 -8.22 -1.22
C GLU A 22 -8.77 -7.52 -0.69
N GLN A 23 -9.28 -8.00 0.44
CA GLN A 23 -10.47 -7.42 1.05
C GLN A 23 -10.12 -6.75 2.38
N ARG A 24 -8.87 -6.85 2.78
CA ARG A 24 -8.42 -6.25 4.03
C ARG A 24 -7.39 -5.16 3.77
N ILE A 25 -6.81 -5.16 2.58
CA ILE A 25 -5.80 -4.18 2.20
C ILE A 25 -6.45 -2.98 1.52
N LEU A 26 -7.52 -3.22 0.77
CA LEU A 26 -8.23 -2.16 0.06
C LEU A 26 -9.18 -1.42 1.01
N LYS A 27 -9.39 -1.99 2.19
CA LYS A 27 -10.27 -1.39 3.18
C LYS A 27 -9.47 -0.61 4.22
N PHE A 28 -8.17 -0.87 4.28
CA PHE A 28 -7.30 -0.20 5.24
C PHE A 28 -6.59 0.97 4.57
N LEU A 29 -6.38 0.88 3.26
CA LEU A 29 -5.71 1.93 2.51
C LEU A 29 -6.70 3.02 2.10
N GLU A 30 -7.99 2.73 2.26
CA GLU A 30 -9.04 3.68 1.91
C GLU A 30 -9.56 4.39 3.15
N GLU A 31 -9.37 3.77 4.31
CA GLU A 31 -9.82 4.34 5.58
C GLU A 31 -8.70 5.13 6.25
N LEU A 32 -7.47 4.83 5.86
CA LEU A 32 -6.30 5.49 6.44
C LEU A 32 -6.52 7.00 6.49
N GLY A 33 -6.36 7.66 5.33
CA GLY A 33 -6.54 9.09 5.27
C GLY A 33 -6.00 9.68 3.97
N GLU A 34 -6.66 9.37 2.86
CA GLU A 34 -6.24 9.87 1.56
C GLU A 34 -5.15 10.93 1.71
N GLY A 35 -3.90 10.48 1.74
CA GLY A 35 -2.79 11.40 1.88
C GLY A 35 -1.87 11.03 3.03
N LYS A 36 -1.81 9.74 3.35
CA LYS A 36 -0.97 9.27 4.44
C LYS A 36 -0.12 8.07 3.99
N ALA A 37 1.07 8.35 3.47
CA ALA A 37 1.96 7.30 3.02
C ALA A 37 1.96 6.11 3.98
N THR A 38 2.26 4.93 3.45
CA THR A 38 2.29 3.72 4.25
C THR A 38 3.36 2.75 3.77
N THR A 39 4.25 2.34 4.67
CA THR A 39 5.32 1.42 4.33
C THR A 39 4.90 -0.02 4.56
N ALA A 40 5.26 -0.90 3.62
CA ALA A 40 4.91 -2.32 3.73
C ALA A 40 5.26 -2.86 5.10
N HIS A 41 6.38 -2.41 5.65
CA HIS A 41 6.83 -2.86 6.98
C HIS A 41 5.85 -2.40 8.05
N ASP A 42 5.13 -1.32 7.78
CA ASP A 42 4.16 -0.78 8.73
C ASP A 42 2.81 -1.46 8.56
N LEU A 43 2.62 -2.14 7.43
CA LEU A 43 1.37 -2.83 7.15
C LEU A 43 1.48 -4.32 7.47
N SER A 44 2.72 -4.80 7.54
CA SER A 44 2.97 -6.21 7.85
C SER A 44 3.30 -6.41 9.32
N GLY A 45 3.47 -5.31 10.03
CA GLY A 45 3.79 -5.38 11.44
C GLY A 45 2.64 -4.93 12.33
N LYS A 46 1.66 -4.29 11.72
CA LYS A 46 0.48 -3.81 12.46
C LYS A 46 -0.65 -4.83 12.41
N LEU A 47 -0.82 -5.47 11.25
CA LEU A 47 -1.86 -6.47 11.08
C LEU A 47 -1.28 -7.88 11.14
N GLY A 48 0.06 -7.97 11.15
CA GLY A 48 0.72 -9.26 11.21
C GLY A 48 0.95 -9.86 9.83
N THR A 49 0.08 -9.51 8.89
CA THR A 49 0.20 -10.02 7.52
C THR A 49 1.65 -10.27 7.15
N PRO A 50 1.92 -11.43 6.52
CA PRO A 50 3.26 -11.81 6.10
C PRO A 50 3.77 -10.97 4.94
N LYS A 51 5.01 -10.49 5.06
CA LYS A 51 5.61 -9.66 4.02
C LYS A 51 5.47 -10.32 2.65
N LYS A 52 5.63 -11.64 2.61
CA LYS A 52 5.52 -12.38 1.36
C LYS A 52 4.14 -12.19 0.74
N GLU A 53 3.21 -11.65 1.52
CA GLU A 53 1.85 -11.42 1.05
C GLU A 53 1.63 -9.94 0.75
N ILE A 54 2.41 -9.09 1.41
CA ILE A 54 2.30 -7.64 1.21
C ILE A 54 3.16 -7.18 0.04
N ASN A 55 4.18 -7.97 -0.28
CA ASN A 55 5.08 -7.63 -1.39
C ASN A 55 4.52 -8.14 -2.71
N ARG A 56 3.70 -9.18 -2.64
CA ARG A 56 3.09 -9.76 -3.84
C ARG A 56 1.80 -9.04 -4.19
N VAL A 57 1.26 -8.28 -3.25
CA VAL A 57 0.03 -7.53 -3.46
C VAL A 57 0.32 -6.07 -3.80
N LEU A 58 1.47 -5.59 -3.34
CA LEU A 58 1.88 -4.20 -3.59
C LEU A 58 2.31 -4.02 -5.03
N TYR A 59 2.81 -5.10 -5.64
CA TYR A 59 3.27 -5.05 -7.02
C TYR A 59 2.16 -5.49 -7.98
N SER A 60 1.02 -5.84 -7.41
CA SER A 60 -0.12 -6.28 -8.22
C SER A 60 -1.22 -5.22 -8.25
N LEU A 61 -1.19 -4.32 -7.26
CA LEU A 61 -2.18 -3.25 -7.17
C LEU A 61 -1.66 -1.98 -7.83
N ALA A 62 -0.36 -1.74 -7.69
CA ALA A 62 0.26 -0.55 -8.27
C ALA A 62 0.28 -0.64 -9.79
N LYS A 63 0.35 -1.86 -10.31
CA LYS A 63 0.39 -2.08 -11.75
C LYS A 63 -0.98 -1.81 -12.37
N LYS A 64 -2.03 -1.99 -11.59
CA LYS A 64 -3.39 -1.76 -12.06
C LYS A 64 -3.77 -0.29 -11.92
N GLY A 65 -2.90 0.48 -11.28
CA GLY A 65 -3.17 1.89 -11.10
C GLY A 65 -4.04 2.17 -9.90
N LYS A 66 -4.09 1.21 -8.98
CA LYS A 66 -4.90 1.35 -7.77
C LYS A 66 -4.01 1.56 -6.54
N LEU A 67 -2.86 2.17 -6.76
CA LEU A 67 -1.91 2.44 -5.68
C LEU A 67 -0.66 3.13 -6.20
N GLN A 68 -0.36 4.30 -5.65
CA GLN A 68 0.81 5.06 -6.05
C GLN A 68 2.10 4.37 -5.61
N LYS A 69 3.23 4.79 -6.18
CA LYS A 69 4.51 4.21 -5.83
C LYS A 69 5.62 5.26 -5.89
N GLU A 70 6.31 5.46 -4.77
CA GLU A 70 7.38 6.44 -4.70
C GLU A 70 8.69 5.85 -5.24
N ALA A 71 9.62 6.73 -5.61
CA ALA A 71 10.91 6.30 -6.13
C ALA A 71 11.57 5.28 -5.20
N GLY A 72 11.41 4.00 -5.54
CA GLY A 72 11.99 2.95 -4.74
C GLY A 72 10.94 2.12 -4.03
N THR A 73 11.21 0.82 -3.88
CA THR A 73 10.29 -0.09 -3.22
C THR A 73 9.96 0.39 -1.81
N PRO A 74 10.98 0.44 -0.95
CA PRO A 74 10.82 0.88 0.44
C PRO A 74 10.54 2.38 0.55
N ALA A 75 10.36 3.02 -0.60
CA ALA A 75 10.08 4.45 -0.63
C ALA A 75 8.82 4.79 0.15
N LEU A 76 7.67 4.40 -0.40
CA LEU A 76 6.39 4.66 0.24
C LEU A 76 5.23 4.18 -0.63
N TRP A 77 4.02 4.25 -0.09
CA TRP A 77 2.84 3.82 -0.82
C TRP A 77 1.59 4.54 -0.30
N LYS A 78 0.77 5.01 -1.23
CA LYS A 78 -0.45 5.73 -0.87
C LYS A 78 -1.50 5.60 -1.98
N ILE A 79 -2.76 5.74 -1.60
CA ILE A 79 -3.86 5.65 -2.57
C ILE A 79 -3.53 6.40 -3.85
N ALA A 80 -4.17 6.00 -4.94
CA ALA A 80 -3.94 6.64 -6.23
C ALA A 80 -3.43 8.06 -6.06
N VAL A 81 -4.30 8.93 -5.54
CA VAL A 81 -3.95 10.33 -5.32
C VAL A 81 -4.72 10.92 -4.15
N SER A 82 -4.41 12.17 -3.80
CA SER A 82 -5.07 12.83 -2.69
C SER A 82 -4.75 14.33 -2.68
N THR A 83 -3.48 14.65 -2.89
CA THR A 83 -3.04 16.04 -2.92
C THR A 83 -1.78 16.20 -3.77
N GLN A 84 -1.20 17.41 -3.74
CA GLN A 84 0.00 17.69 -4.49
C GLN A 84 -0.23 17.50 -5.99
N GLU A 22 -6.49 -9.15 0.12
CA GLU A 22 -6.87 -8.21 -0.92
C GLU A 22 -8.03 -7.32 -0.45
N GLN A 23 -8.98 -7.92 0.26
CA GLN A 23 -10.13 -7.19 0.76
C GLN A 23 -9.80 -6.49 2.07
N ARG A 24 -8.75 -6.95 2.74
CA ARG A 24 -8.32 -6.38 4.01
C ARG A 24 -7.29 -5.28 3.78
N ILE A 25 -6.69 -5.27 2.59
CA ILE A 25 -5.68 -4.28 2.26
C ILE A 25 -6.29 -3.10 1.51
N LEU A 26 -7.34 -3.38 0.75
CA LEU A 26 -8.03 -2.35 -0.03
C LEU A 26 -8.96 -1.53 0.86
N LYS A 27 -9.35 -2.12 2.00
CA LYS A 27 -10.23 -1.44 2.93
C LYS A 27 -9.43 -0.65 3.96
N PHE A 28 -8.17 -1.01 4.12
CA PHE A 28 -7.30 -0.32 5.08
C PHE A 28 -6.59 0.85 4.42
N LEU A 29 -6.32 0.73 3.12
CA LEU A 29 -5.65 1.79 2.37
C LEU A 29 -6.63 2.87 1.98
N GLU A 30 -7.92 2.57 2.07
CA GLU A 30 -8.96 3.53 1.72
C GLU A 30 -9.54 4.19 2.97
N GLU A 31 -9.28 3.59 4.12
CA GLU A 31 -9.78 4.12 5.39
C GLU A 31 -8.68 4.89 6.12
N LEU A 32 -7.43 4.63 5.74
CA LEU A 32 -6.30 5.29 6.36
C LEU A 32 -6.50 6.80 6.42
N GLY A 33 -6.36 7.45 5.27
CA GLY A 33 -6.54 8.90 5.22
C GLY A 33 -6.00 9.49 3.93
N GLU A 34 -6.69 9.25 2.82
CA GLU A 34 -6.28 9.76 1.52
C GLU A 34 -5.19 10.83 1.68
N GLY A 35 -3.94 10.39 1.67
CA GLY A 35 -2.83 11.31 1.81
C GLY A 35 -1.79 10.82 2.79
N LYS A 36 -2.12 9.74 3.51
CA LYS A 36 -1.20 9.18 4.50
C LYS A 36 -0.50 7.93 3.94
N ALA A 37 0.81 8.02 3.78
CA ALA A 37 1.59 6.91 3.25
C ALA A 37 2.06 5.99 4.38
N THR A 38 2.47 4.78 4.01
CA THR A 38 2.94 3.80 5.00
C THR A 38 3.68 2.66 4.31
N THR A 39 4.89 2.38 4.78
CA THR A 39 5.71 1.31 4.22
C THR A 39 5.06 -0.06 4.47
N ALA A 40 5.34 -1.00 3.58
CA ALA A 40 4.79 -2.34 3.69
C ALA A 40 5.09 -2.95 5.07
N HIS A 41 6.33 -2.77 5.53
CA HIS A 41 6.74 -3.28 6.83
C HIS A 41 5.81 -2.80 7.92
N ASP A 42 5.24 -1.62 7.74
CA ASP A 42 4.33 -1.04 8.71
C ASP A 42 2.94 -1.67 8.61
N LEU A 43 2.64 -2.24 7.45
CA LEU A 43 1.36 -2.89 7.22
C LEU A 43 1.41 -4.37 7.57
N SER A 44 2.63 -4.90 7.65
CA SER A 44 2.81 -6.31 7.98
C SER A 44 3.10 -6.49 9.47
N GLY A 45 3.36 -5.38 10.14
CA GLY A 45 3.65 -5.44 11.56
C GLY A 45 2.52 -4.87 12.40
N LYS A 46 1.58 -4.20 11.75
CA LYS A 46 0.43 -3.61 12.45
C LYS A 46 -0.75 -4.56 12.43
N LEU A 47 -0.89 -5.32 11.34
CA LEU A 47 -1.99 -6.27 11.19
C LEU A 47 -1.48 -7.70 11.28
N GLY A 48 -0.16 -7.86 11.29
CA GLY A 48 0.43 -9.18 11.37
C GLY A 48 0.63 -9.82 10.01
N THR A 49 -0.22 -9.44 9.06
CA THR A 49 -0.13 -9.97 7.70
C THR A 49 1.31 -10.29 7.33
N PRO A 50 1.52 -11.48 6.74
CA PRO A 50 2.85 -11.93 6.31
C PRO A 50 3.40 -11.13 5.14
N LYS A 51 4.66 -10.75 5.22
CA LYS A 51 5.30 -9.98 4.17
C LYS A 51 5.10 -10.65 2.80
N LYS A 52 5.10 -11.98 2.80
CA LYS A 52 4.91 -12.73 1.56
C LYS A 52 3.53 -12.49 0.98
N GLU A 53 2.70 -11.76 1.73
CA GLU A 53 1.34 -11.46 1.27
C GLU A 53 1.16 -9.95 1.07
N ILE A 54 2.18 -9.19 1.44
CA ILE A 54 2.14 -7.74 1.29
C ILE A 54 3.05 -7.28 0.15
N ASN A 55 4.05 -8.08 -0.17
CA ASN A 55 4.98 -7.76 -1.24
C ASN A 55 4.49 -8.29 -2.58
N ARG A 56 3.75 -9.39 -2.53
CA ARG A 56 3.20 -10.00 -3.74
C ARG A 56 1.95 -9.27 -4.20
N VAL A 57 1.34 -8.51 -3.29
CA VAL A 57 0.13 -7.76 -3.60
C VAL A 57 0.46 -6.33 -4.00
N LEU A 58 1.52 -5.79 -3.42
CA LEU A 58 1.95 -4.42 -3.71
C LEU A 58 2.30 -4.27 -5.19
N TYR A 59 2.88 -5.30 -5.77
CA TYR A 59 3.26 -5.28 -7.18
C TYR A 59 2.07 -5.62 -8.07
N SER A 60 0.94 -5.94 -7.45
CA SER A 60 -0.27 -6.30 -8.18
C SER A 60 -1.29 -5.16 -8.11
N LEU A 61 -1.07 -4.23 -7.19
CA LEU A 61 -1.97 -3.09 -7.02
C LEU A 61 -1.43 -1.86 -7.74
N ALA A 62 -0.12 -1.66 -7.64
CA ALA A 62 0.53 -0.52 -8.29
C ALA A 62 0.46 -0.64 -9.80
N LYS A 63 0.40 -1.87 -10.30
CA LYS A 63 0.33 -2.11 -11.73
C LYS A 63 -1.06 -1.79 -12.27
N LYS A 64 -2.06 -1.95 -11.43
CA LYS A 64 -3.44 -1.67 -11.81
C LYS A 64 -3.79 -0.20 -11.59
N GLY A 65 -2.85 0.54 -11.02
CA GLY A 65 -3.08 1.95 -10.76
C GLY A 65 -3.94 2.18 -9.53
N LYS A 66 -3.91 1.23 -8.61
CA LYS A 66 -4.68 1.34 -7.37
C LYS A 66 -3.77 1.61 -6.18
N LEU A 67 -2.64 2.25 -6.44
CA LEU A 67 -1.69 2.58 -5.40
C LEU A 67 -0.46 3.31 -5.97
N GLN A 68 -0.28 4.56 -5.57
CA GLN A 68 0.85 5.35 -6.03
C GLN A 68 2.16 4.60 -5.85
N LYS A 69 3.23 5.13 -6.42
CA LYS A 69 4.55 4.53 -6.32
C LYS A 69 5.65 5.58 -6.35
N GLU A 70 6.16 5.94 -5.18
CA GLU A 70 7.21 6.94 -5.08
C GLU A 70 8.42 6.54 -5.91
N ALA A 71 9.54 7.23 -5.69
CA ALA A 71 10.77 6.94 -6.41
C ALA A 71 11.51 5.76 -5.77
N GLY A 72 10.99 4.56 -5.98
CA GLY A 72 11.62 3.37 -5.41
C GLY A 72 10.63 2.50 -4.65
N THR A 73 11.04 1.27 -4.35
CA THR A 73 10.19 0.34 -3.63
C THR A 73 9.96 0.79 -2.19
N PRO A 74 11.01 0.68 -1.37
CA PRO A 74 10.94 1.08 0.05
C PRO A 74 10.85 2.59 0.22
N ALA A 75 10.39 3.27 -0.83
CA ALA A 75 10.25 4.72 -0.79
C ALA A 75 9.01 5.14 -0.01
N LEU A 76 7.85 4.65 -0.45
CA LEU A 76 6.59 4.98 0.20
C LEU A 76 5.40 4.53 -0.65
N TRP A 77 4.22 4.49 -0.03
CA TRP A 77 3.02 4.07 -0.73
C TRP A 77 1.81 4.86 -0.24
N LYS A 78 0.90 5.17 -1.16
CA LYS A 78 -0.31 5.92 -0.82
C LYS A 78 -1.36 5.78 -1.91
N ILE A 79 -2.63 5.80 -1.51
CA ILE A 79 -3.74 5.68 -2.45
C ILE A 79 -3.47 6.48 -3.72
N ALA A 80 -4.04 6.02 -4.83
CA ALA A 80 -3.86 6.70 -6.11
C ALA A 80 -3.42 8.14 -5.92
N VAL A 81 -4.37 9.01 -5.59
CA VAL A 81 -4.07 10.42 -5.37
C VAL A 81 -4.76 10.94 -4.11
N SER A 82 -4.36 12.13 -3.67
CA SER A 82 -4.93 12.73 -2.48
C SER A 82 -4.44 14.17 -2.31
N THR A 83 -4.51 14.94 -3.39
CA THR A 83 -4.07 16.33 -3.37
C THR A 83 -2.58 16.44 -3.05
N GLN A 84 -2.02 17.62 -3.27
CA GLN A 84 -0.61 17.85 -3.00
C GLN A 84 -0.36 18.11 -1.53
#